data_4RWT
#
_entry.id   4RWT
#
_cell.length_a   65.350
_cell.length_b   65.650
_cell.length_c   81.920
_cell.angle_alpha   101.29
_cell.angle_beta   90.94
_cell.angle_gamma   107.97
#
_symmetry.space_group_name_H-M   'P 1'
#
loop_
_entity.id
_entity.type
_entity.pdbx_description
1 polymer Actin-5C
2 polymer Leiomodin-2
3 non-polymer 'PHOSPHOAMINOPHOSPHONIC ACID-ADENYLATE ESTER'
4 non-polymer 'MAGNESIUM ION'
#
loop_
_entity_poly.entity_id
_entity_poly.type
_entity_poly.pdbx_seq_one_letter_code
_entity_poly.pdbx_strand_id
1 'polypeptide(L)'
;MCDEEVAALVVDNGSGMCKAGFAGDDAPRAVFPSIVGRPRHQGVMVGMGQKDSYVGDEAQSKRGILTLKYPIEHGIVTNW
DDMEKIWHHTFYNELRVAPEEHPVLLTEAPLNPKANREKMTQIMFETFNTPAMYVAIQAVLSLYASGRTTGIVLDSGDGV
SHTVPIYEGYALPHAILRLDLAGRDLTDYLMKILTERGYSFTTTAEREIVRDIKEKLCYVALDFEQEMATAASSSSLEKS
YELPDGQVITIGNERFRCPEALFQPSFLGMEACGIHETTYNSIMKCDVDIREDLYANTVLSGGTTMYPGIADRMQKEITA
LAKSTMKIKIIAPPERKYSVWIGGSILASLSTFQQMWISKQEYDESGPSIVHRKCFASHHHHHH
;
A,B
2 'polypeptide(L)'
;MAHHHHHHVGTMSTFGYRRGLSKYESIDEDELLASLSAEELKELERELEDIEPDRNLPVGLRQKSLTEKTPTGTFSREAL
MAYWEKESQKLLEKERLGECGKVAEDKEEEEDSDEEERTIETAKGINGTVNYDSVNSDNSKPKIFKSQIENINLTNGSNG
RNTESPAAIHPCGNPTVIEDALDKIKSNDPDTTEVNLNNIENITTQTLTRFAEALKDNTVVKTFSLANTHADDSAAMAIA
EMLKVNEHITNVNVESNFITGKGILAIMRALQHNTVLTELRFHNQRHIMGSQVEMEIVKLLKENTTLLRLGYHFELPGPR
MSMTSILTRNMDKQRQKRLQEQKQQEGYDGGPNLRTKVWQRGTPSSSPYVSPRHSPWSSPKLPKKVQTVRSRPLSPVATP
PPPPPPPLPEKKLITRNIAEVIKQQESAQRALQNGQGSGSGGSVGSQPNSILKEIKNSLRSVQEKKMEDSSRPSTPQRSA
HENLMEAIRGSSIKQLKRVEVPEALR
;
C,D
#
loop_
_chem_comp.id
_chem_comp.type
_chem_comp.name
_chem_comp.formula
ANP non-polymer 'PHOSPHOAMINOPHOSPHONIC ACID-ADENYLATE ESTER' 'C10 H17 N6 O12 P3'
MG non-polymer 'MAGNESIUM ION' 'Mg 2'
#
# COMPACT_ATOMS: atom_id res chain seq x y z
N ALA A 8 3.47 19.12 31.04
CA ALA A 8 3.82 18.22 29.90
C ALA A 8 5.31 17.87 29.90
N LEU A 9 5.64 16.67 29.42
CA LEU A 9 7.04 16.24 29.36
C LEU A 9 7.54 16.12 27.94
N VAL A 10 8.84 16.35 27.77
CA VAL A 10 9.51 16.16 26.49
C VAL A 10 10.70 15.25 26.71
N VAL A 11 10.78 14.21 25.90
CA VAL A 11 11.92 13.32 25.97
C VAL A 11 12.45 13.12 24.56
N ASP A 12 13.71 13.48 24.38
CA ASP A 12 14.40 13.22 23.13
C ASP A 12 15.51 12.21 23.36
N ASN A 13 15.33 11.02 22.80
CA ASN A 13 16.31 9.96 22.95
C ASN A 13 17.31 10.09 21.82
N GLY A 14 18.55 9.67 22.07
CA GLY A 14 19.55 9.73 21.03
C GLY A 14 20.38 8.47 21.01
N SER A 15 21.07 8.26 19.91
CA SER A 15 21.92 7.10 19.72
C SER A 15 23.03 7.05 20.77
N GLY A 16 23.19 8.14 21.51
CA GLY A 16 24.28 8.24 22.48
C GLY A 16 23.96 9.07 23.70
N MET A 17 23.41 10.28 23.47
CA MET A 17 23.11 11.20 24.58
C MET A 17 21.60 11.47 24.72
N CYS A 18 21.12 11.45 25.96
CA CYS A 18 19.69 11.61 26.25
C CYS A 18 19.37 12.92 26.94
N LYS A 19 18.38 13.63 26.40
CA LYS A 19 17.93 14.88 26.97
C LYS A 19 16.41 14.91 27.22
N ALA A 20 16.03 15.11 28.48
CA ALA A 20 14.64 15.11 28.89
C ALA A 20 14.37 16.29 29.80
N GLY A 21 13.16 16.82 29.73
CA GLY A 21 12.82 17.94 30.57
C GLY A 21 11.39 18.32 30.38
N PHE A 22 10.97 19.31 31.16
CA PHE A 22 9.61 19.80 31.16
C PHE A 22 9.34 20.63 29.94
N ALA A 23 8.10 20.55 29.46
CA ALA A 23 7.66 21.34 28.32
C ALA A 23 7.51 22.80 28.72
N GLY A 24 7.53 23.67 27.73
CA GLY A 24 7.48 25.10 27.97
C GLY A 24 8.79 25.64 28.49
N ASP A 25 9.75 24.75 28.73
CA ASP A 25 11.05 25.14 29.25
C ASP A 25 12.03 25.60 28.17
N ASP A 26 12.97 26.42 28.63
CA ASP A 26 14.06 27.00 27.84
C ASP A 26 14.98 25.89 27.32
N ALA A 27 15.28 24.94 28.21
CA ALA A 27 16.27 23.88 27.94
C ALA A 27 15.96 22.62 28.77
N PRO A 28 16.59 21.49 28.40
CA PRO A 28 16.43 20.28 29.20
C PRO A 28 17.03 20.41 30.60
N ARG A 29 16.32 19.87 31.60
CA ARG A 29 16.85 19.82 32.97
C ARG A 29 17.71 18.59 33.10
N ALA A 30 17.38 17.58 32.29
CA ALA A 30 18.04 16.29 32.33
C ALA A 30 18.74 16.07 31.00
N VAL A 31 20.07 16.01 31.06
CA VAL A 31 20.91 15.63 29.93
C VAL A 31 21.95 14.69 30.49
N PHE A 32 21.82 13.41 30.15
CA PHE A 32 22.73 12.36 30.64
C PHE A 32 22.95 11.31 29.54
N PRO A 33 24.07 10.56 29.60
CA PRO A 33 24.32 9.65 28.49
C PRO A 33 23.32 8.48 28.41
N SER A 34 22.92 8.15 27.18
CA SER A 34 21.98 7.05 26.92
C SER A 34 22.70 5.70 26.96
N ILE A 35 23.23 5.36 28.13
CA ILE A 35 24.02 4.15 28.30
C ILE A 35 23.58 3.31 29.50
N VAL A 36 23.77 2.00 29.37
CA VAL A 36 23.58 1.07 30.48
C VAL A 36 24.84 0.21 30.61
N GLY A 37 25.42 0.26 31.80
CA GLY A 37 26.63 -0.48 32.10
C GLY A 37 26.37 -1.74 32.89
N ARG A 38 27.06 -2.80 32.50
CA ARG A 38 26.99 -4.09 33.17
C ARG A 38 28.43 -4.53 33.39
N PRO A 39 28.70 -5.38 34.41
CA PRO A 39 30.11 -5.73 34.69
C PRO A 39 30.89 -6.14 33.47
N ARG A 40 32.20 -5.85 33.48
CA ARG A 40 33.11 -6.30 32.43
C ARG A 40 33.12 -7.79 32.58
N HIS A 41 34.26 -8.47 32.68
CA HIS A 41 34.02 -9.89 32.89
C HIS A 41 35.00 -10.43 33.87
N GLN A 42 35.02 -11.76 33.99
CA GLN A 42 35.88 -12.45 34.94
C GLN A 42 35.26 -12.35 36.31
N GLY A 43 36.11 -12.60 37.33
CA GLY A 43 35.73 -12.48 38.74
C GLY A 43 35.31 -11.06 39.00
N VAL A 44 34.11 -10.68 38.51
CA VAL A 44 33.94 -9.25 38.42
C VAL A 44 33.95 -8.67 39.80
N MET A 45 33.15 -9.29 40.58
CA MET A 45 32.67 -8.60 41.70
C MET A 45 33.26 -7.35 42.25
N VAL A 46 34.39 -7.50 42.95
CA VAL A 46 34.64 -6.29 43.69
C VAL A 46 33.62 -5.11 43.48
N GLY A 47 33.47 -4.66 42.22
CA GLY A 47 32.88 -3.36 41.89
C GLY A 47 31.41 -3.12 42.18
N MET A 48 30.53 -3.91 41.53
CA MET A 48 29.05 -3.76 41.69
C MET A 48 28.69 -3.91 43.16
N GLY A 49 27.50 -3.68 43.63
CA GLY A 49 27.30 -4.02 45.03
C GLY A 49 26.28 -5.14 45.00
N GLN A 50 25.02 -4.70 45.05
CA GLN A 50 23.93 -5.65 44.90
C GLN A 50 23.21 -5.36 43.61
N LYS A 51 23.80 -4.50 42.78
CA LYS A 51 23.21 -4.10 41.51
C LYS A 51 23.55 -5.07 40.35
N ASP A 52 22.71 -5.07 39.32
CA ASP A 52 22.98 -5.88 38.14
C ASP A 52 23.44 -5.03 36.96
N SER A 53 23.24 -3.72 37.08
CA SER A 53 23.60 -2.76 36.04
C SER A 53 23.62 -1.32 36.57
N TYR A 54 24.31 -0.45 35.84
CA TYR A 54 24.28 0.99 36.13
C TYR A 54 23.71 1.79 34.97
N VAL A 55 23.16 2.95 35.28
CA VAL A 55 22.50 3.75 34.27
C VAL A 55 23.00 5.20 34.27
N GLY A 56 23.21 5.76 33.09
CA GLY A 56 23.49 7.19 32.95
C GLY A 56 24.90 7.61 33.34
N ASP A 57 25.00 8.76 34.02
CA ASP A 57 26.30 9.33 34.38
C ASP A 57 27.00 8.65 35.55
N GLU A 58 26.39 7.63 36.13
CA GLU A 58 27.15 6.79 37.03
C GLU A 58 27.73 5.62 36.25
N ALA A 59 27.14 5.31 35.10
CA ALA A 59 27.72 4.31 34.21
C ALA A 59 28.88 4.94 33.43
N GLN A 60 28.89 6.27 33.35
CA GLN A 60 29.98 6.99 32.72
C GLN A 60 31.18 7.11 33.65
N SER A 61 30.89 7.24 34.94
CA SER A 61 31.96 7.36 35.89
C SER A 61 32.61 6.01 36.20
N LYS A 62 31.85 4.91 36.10
CA LYS A 62 32.39 3.56 36.36
C LYS A 62 32.73 2.78 35.09
N ARG A 63 33.19 3.48 34.05
CA ARG A 63 33.54 2.87 32.75
C ARG A 63 34.56 1.70 32.88
N GLY A 64 35.19 1.59 34.05
CA GLY A 64 36.28 0.66 34.31
C GLY A 64 35.88 -0.80 34.18
N ILE A 65 35.07 -1.29 35.11
CA ILE A 65 34.63 -2.68 35.03
C ILE A 65 33.30 -2.78 34.31
N LEU A 66 32.95 -1.71 33.62
CA LEU A 66 31.69 -1.74 32.91
C LEU A 66 31.87 -1.81 31.41
N THR A 67 31.10 -2.71 30.82
CA THR A 67 31.02 -2.82 29.39
C THR A 67 29.79 -2.05 28.96
N LEU A 68 29.99 -0.78 28.62
CA LEU A 68 28.89 0.12 28.30
C LEU A 68 28.21 -0.22 26.97
N LYS A 69 26.88 -0.17 26.97
CA LYS A 69 26.08 -0.46 25.79
C LYS A 69 24.98 0.58 25.60
N TYR A 70 24.64 0.85 24.34
CA TYR A 70 23.57 1.78 23.98
C TYR A 70 22.34 1.04 23.49
N PRO A 71 21.18 1.32 24.09
CA PRO A 71 19.90 0.77 23.68
C PRO A 71 19.54 1.22 22.28
N ILE A 72 19.95 2.44 21.92
CA ILE A 72 19.66 3.02 20.61
C ILE A 72 20.86 3.00 19.70
N GLU A 73 20.72 2.40 18.53
CA GLU A 73 21.81 2.32 17.55
C GLU A 73 21.36 2.86 16.21
N HIS A 74 22.05 3.91 15.76
CA HIS A 74 21.69 4.66 14.56
C HIS A 74 20.29 5.27 14.70
N GLY A 75 19.97 5.67 15.93
CA GLY A 75 18.71 6.39 16.22
C GLY A 75 17.48 5.51 16.33
N ILE A 76 17.67 4.21 16.09
CA ILE A 76 16.60 3.23 16.23
C ILE A 76 16.81 2.39 17.49
N VAL A 77 15.77 2.26 18.30
CA VAL A 77 15.83 1.42 19.49
C VAL A 77 16.09 -0.05 19.12
N THR A 78 17.25 -0.55 19.52
CA THR A 78 17.57 -1.95 19.29
C THR A 78 17.48 -2.78 20.58
N ASN A 79 17.54 -2.11 21.73
CA ASN A 79 17.38 -2.80 23.00
C ASN A 79 16.21 -2.23 23.81
N TRP A 80 15.07 -2.91 23.75
CA TRP A 80 13.85 -2.43 24.41
C TRP A 80 13.89 -2.54 25.93
N ASP A 81 14.57 -3.55 26.44
CA ASP A 81 14.66 -3.69 27.88
C ASP A 81 15.49 -2.55 28.48
N ASP A 82 16.64 -2.27 27.87
CA ASP A 82 17.49 -1.14 28.30
C ASP A 82 16.85 0.20 27.96
N MET A 83 15.99 0.20 26.95
CA MET A 83 15.19 1.37 26.63
C MET A 83 14.20 1.67 27.76
N GLU A 84 13.64 0.62 28.34
CA GLU A 84 12.71 0.78 29.46
C GLU A 84 13.48 1.22 30.70
N LYS A 85 14.69 0.68 30.83
CA LYS A 85 15.60 0.99 31.93
C LYS A 85 15.95 2.49 31.95
N ILE A 86 16.37 3.00 30.79
CA ILE A 86 16.67 4.41 30.61
C ILE A 86 15.45 5.29 30.92
N TRP A 87 14.27 4.88 30.47
CA TRP A 87 13.07 5.69 30.69
C TRP A 87 12.66 5.74 32.15
N HIS A 88 12.82 4.63 32.85
CA HIS A 88 12.54 4.62 34.29
C HIS A 88 13.52 5.53 35.00
N HIS A 89 14.80 5.35 34.70
CA HIS A 89 15.87 6.20 35.21
C HIS A 89 15.52 7.68 35.03
N THR A 90 15.01 8.03 33.85
CA THR A 90 14.66 9.42 33.54
C THR A 90 13.57 10.01 34.45
N PHE A 91 12.38 9.41 34.45
CA PHE A 91 11.27 9.93 35.24
C PHE A 91 11.58 9.89 36.72
N TYR A 92 12.05 8.74 37.19
CA TYR A 92 12.15 8.49 38.62
C TYR A 92 13.44 8.99 39.25
N ASN A 93 14.56 8.78 38.57
CA ASN A 93 15.88 9.10 39.13
C ASN A 93 16.44 10.47 38.73
N GLU A 94 16.36 10.78 37.44
CA GLU A 94 16.97 11.99 36.89
C GLU A 94 16.05 13.22 36.92
N LEU A 95 14.77 12.97 36.71
CA LEU A 95 13.78 14.03 36.62
C LEU A 95 12.91 14.06 37.87
N ARG A 96 13.00 13.00 38.67
CA ARG A 96 12.25 12.87 39.92
C ARG A 96 10.80 13.32 39.75
N VAL A 97 10.07 12.61 38.89
CA VAL A 97 8.67 12.91 38.60
C VAL A 97 7.91 11.62 38.25
N ALA A 98 6.63 11.58 38.61
CA ALA A 98 5.78 10.41 38.38
C ALA A 98 5.07 10.50 37.04
N PRO A 99 5.42 9.59 36.09
CA PRO A 99 4.91 9.57 34.71
C PRO A 99 3.39 9.42 34.60
N GLU A 100 2.72 9.19 35.71
CA GLU A 100 1.26 9.14 35.76
C GLU A 100 0.68 10.55 35.74
N GLU A 101 1.40 11.49 36.38
CA GLU A 101 0.95 12.87 36.54
C GLU A 101 1.25 13.74 35.31
N HIS A 102 1.77 13.15 34.24
CA HIS A 102 2.21 13.94 33.08
C HIS A 102 2.01 13.27 31.74
N PRO A 103 1.60 14.06 30.72
CA PRO A 103 1.63 13.58 29.34
C PRO A 103 3.09 13.63 28.86
N VAL A 104 3.45 12.81 27.87
CA VAL A 104 4.84 12.69 27.45
C VAL A 104 4.99 12.73 25.93
N LEU A 105 5.76 13.70 25.43
CA LEU A 105 6.09 13.74 24.00
C LEU A 105 7.42 13.07 23.78
N LEU A 106 7.44 12.07 22.92
CA LEU A 106 8.65 11.35 22.62
C LEU A 106 9.04 11.55 21.18
N THR A 107 10.28 11.17 20.87
CA THR A 107 10.87 11.45 19.57
C THR A 107 11.32 10.19 18.85
N GLU A 108 11.47 10.29 17.54
CA GLU A 108 11.96 9.17 16.78
C GLU A 108 12.72 9.58 15.53
N ALA A 109 13.51 8.64 15.03
CA ALA A 109 14.32 8.82 13.84
C ALA A 109 13.48 8.72 12.59
N PRO A 110 13.96 9.33 11.49
CA PRO A 110 13.37 9.18 10.16
C PRO A 110 13.48 7.75 9.68
N LEU A 111 12.40 7.22 9.11
CA LEU A 111 12.33 5.82 8.63
C LEU A 111 12.36 4.74 9.72
N ASN A 112 11.95 5.11 10.93
CA ASN A 112 11.69 4.16 12.01
C ASN A 112 10.64 3.14 11.54
N PRO A 113 10.78 1.84 11.94
CA PRO A 113 9.73 0.85 11.69
C PRO A 113 8.42 1.11 12.44
N LYS A 114 7.30 0.65 11.89
CA LYS A 114 5.99 0.82 12.55
C LYS A 114 5.97 -0.04 13.80
N ALA A 115 6.67 -1.15 13.73
CA ALA A 115 6.78 -2.05 14.86
C ALA A 115 7.30 -1.32 16.08
N ASN A 116 8.40 -0.60 15.91
CA ASN A 116 9.03 0.14 17.02
C ASN A 116 8.21 1.29 17.56
N ARG A 117 7.53 1.99 16.65
CA ARG A 117 6.66 3.11 17.00
C ARG A 117 5.64 2.57 18.00
N GLU A 118 5.15 1.37 17.74
CA GLU A 118 4.14 0.75 18.58
C GLU A 118 4.63 0.31 19.96
N LYS A 119 5.81 -0.33 20.02
CA LYS A 119 6.35 -0.73 21.33
C LYS A 119 6.59 0.50 22.19
N MET A 120 7.25 1.50 21.62
CA MET A 120 7.42 2.82 22.25
C MET A 120 6.09 3.32 22.80
N THR A 121 5.03 3.19 21.98
CA THR A 121 3.67 3.58 22.34
C THR A 121 3.18 2.77 23.53
N GLN A 122 3.20 1.45 23.37
CA GLN A 122 2.69 0.52 24.36
C GLN A 122 3.42 0.60 25.70
N ILE A 123 4.74 0.80 25.65
CA ILE A 123 5.57 0.90 26.87
C ILE A 123 5.12 2.07 27.72
N MET A 124 4.83 3.19 27.07
CA MET A 124 4.41 4.38 27.79
C MET A 124 3.07 4.17 28.47
N PHE A 125 2.16 3.47 27.78
CA PHE A 125 0.80 3.33 28.25
C PHE A 125 0.58 2.22 29.29
N GLU A 126 1.25 1.08 29.10
CA GLU A 126 1.07 -0.05 30.02
C GLU A 126 2.03 -0.01 31.18
N THR A 127 3.33 0.16 30.91
CA THR A 127 4.34 0.16 31.96
C THR A 127 4.27 1.42 32.83
N PHE A 128 4.43 2.59 32.20
CA PHE A 128 4.50 3.86 32.92
C PHE A 128 3.14 4.51 33.20
N ASN A 129 2.12 4.09 32.45
CA ASN A 129 0.76 4.62 32.61
C ASN A 129 0.68 6.14 32.50
N THR A 130 0.85 6.62 31.28
CA THR A 130 0.82 8.04 30.99
C THR A 130 -0.56 8.50 30.53
N PRO A 131 -1.07 9.62 31.08
CA PRO A 131 -2.38 10.15 30.70
C PRO A 131 -2.56 10.24 29.18
N ALA A 132 -1.53 10.78 28.51
CA ALA A 132 -1.54 10.99 27.07
C ALA A 132 -0.11 10.97 26.55
N MET A 133 0.06 10.72 25.25
CA MET A 133 1.40 10.78 24.64
C MET A 133 1.36 11.07 23.12
N TYR A 134 2.46 11.62 22.59
CA TYR A 134 2.61 11.86 21.13
C TYR A 134 4.03 11.48 20.70
N VAL A 135 4.23 11.14 19.43
CA VAL A 135 5.56 10.79 18.90
C VAL A 135 5.90 11.57 17.63
N ALA A 136 6.95 12.39 17.70
CA ALA A 136 7.32 13.23 16.56
C ALA A 136 8.68 12.88 15.96
N ILE A 137 8.77 12.95 14.64
CA ILE A 137 10.05 12.80 13.94
C ILE A 137 10.99 13.94 14.36
N GLN A 138 12.17 13.58 14.82
CA GLN A 138 13.15 14.53 15.36
C GLN A 138 13.52 15.64 14.40
N ALA A 139 13.69 15.30 13.12
CA ALA A 139 14.04 16.31 12.15
C ALA A 139 12.97 17.41 12.13
N VAL A 140 11.72 16.97 12.09
CA VAL A 140 10.55 17.84 12.08
C VAL A 140 10.49 18.74 13.32
N LEU A 141 10.90 18.21 14.46
CA LEU A 141 10.95 19.00 15.70
C LEU A 141 12.04 20.06 15.65
N SER A 142 13.01 19.89 14.76
CA SER A 142 14.11 20.84 14.62
C SER A 142 13.72 22.03 13.76
N LEU A 143 12.90 21.77 12.76
CA LEU A 143 12.35 22.81 11.91
C LEU A 143 11.41 23.72 12.70
N TYR A 144 10.57 23.12 13.56
CA TYR A 144 9.61 23.90 14.34
C TYR A 144 10.31 24.85 15.29
N ALA A 145 11.48 24.47 15.77
CA ALA A 145 12.25 25.32 16.67
C ALA A 145 12.76 26.55 15.94
N SER A 146 13.11 26.36 14.68
CA SER A 146 13.61 27.45 13.83
C SER A 146 12.50 28.45 13.48
N GLY A 147 11.28 28.14 13.90
CA GLY A 147 10.12 29.00 13.70
C GLY A 147 9.45 28.76 12.36
N ARG A 148 9.68 27.58 11.80
CA ARG A 148 9.16 27.23 10.48
C ARG A 148 8.34 25.95 10.54
N THR A 149 7.48 25.78 9.54
CA THR A 149 6.70 24.58 9.40
C THR A 149 7.05 23.86 8.10
N THR A 150 7.68 24.58 7.19
CA THR A 150 8.11 24.04 5.92
C THR A 150 9.60 24.32 5.67
N GLY A 151 10.27 23.33 5.09
CA GLY A 151 11.71 23.40 4.83
C GLY A 151 12.30 22.00 4.75
N ILE A 152 13.62 21.92 4.53
CA ILE A 152 14.33 20.64 4.59
C ILE A 152 15.32 20.70 5.74
N VAL A 153 15.37 19.67 6.56
CA VAL A 153 16.24 19.63 7.71
C VAL A 153 17.32 18.61 7.47
N LEU A 154 18.57 19.04 7.62
CA LEU A 154 19.70 18.13 7.61
C LEU A 154 20.00 17.78 9.03
N ASP A 155 19.92 16.50 9.35
CA ASP A 155 20.15 16.02 10.70
C ASP A 155 21.33 15.08 10.73
N SER A 156 22.41 15.52 11.38
CA SER A 156 23.60 14.73 11.48
C SER A 156 23.90 14.55 12.94
N GLY A 157 23.71 13.32 13.41
CA GLY A 157 23.86 12.99 14.82
C GLY A 157 25.13 12.24 15.11
N ASP A 158 24.99 11.11 15.80
CA ASP A 158 26.16 10.36 16.21
C ASP A 158 26.46 9.18 15.30
N GLY A 159 25.42 8.52 14.79
CA GLY A 159 25.63 7.30 14.03
C GLY A 159 25.27 7.36 12.56
N VAL A 160 24.24 8.14 12.24
CA VAL A 160 23.67 8.19 10.89
C VAL A 160 23.32 9.63 10.53
N SER A 161 23.30 9.94 9.23
CA SER A 161 22.86 11.26 8.77
C SER A 161 21.55 11.21 8.00
N HIS A 162 20.71 12.23 8.17
CA HIS A 162 19.41 12.31 7.52
C HIS A 162 19.10 13.68 6.97
N THR A 163 18.69 13.70 5.71
CA THR A 163 18.10 14.88 5.11
C THR A 163 16.61 14.60 5.00
N VAL A 164 15.80 15.47 5.63
CA VAL A 164 14.35 15.23 5.73
C VAL A 164 13.49 16.38 5.17
N PRO A 165 13.07 16.27 3.90
CA PRO A 165 12.17 17.28 3.38
C PRO A 165 10.87 17.29 4.19
N ILE A 166 10.39 18.48 4.53
CA ILE A 166 9.22 18.67 5.36
C ILE A 166 8.26 19.64 4.70
N TYR A 167 6.98 19.28 4.67
CA TYR A 167 5.98 20.05 3.95
C TYR A 167 4.78 20.34 4.86
N GLU A 168 4.65 21.60 5.26
CA GLU A 168 3.58 22.05 6.16
C GLU A 168 3.37 21.12 7.36
N GLY A 169 4.45 20.77 8.04
CA GLY A 169 4.35 20.00 9.27
C GLY A 169 4.56 18.50 9.16
N TYR A 170 4.66 17.97 7.94
CA TYR A 170 4.80 16.53 7.81
C TYR A 170 6.00 16.16 6.94
N ALA A 171 6.82 15.23 7.45
CA ALA A 171 8.05 14.79 6.77
C ALA A 171 7.71 13.94 5.57
N LEU A 172 8.45 14.11 4.49
CA LEU A 172 8.19 13.36 3.25
C LEU A 172 9.03 12.09 3.18
N PRO A 173 8.40 10.93 3.44
CA PRO A 173 9.07 9.63 3.47
C PRO A 173 9.69 9.24 2.14
N HIS A 174 9.02 9.56 1.04
CA HIS A 174 9.51 9.21 -0.29
C HIS A 174 10.81 9.96 -0.62
N ALA A 175 11.02 11.11 0.02
CA ALA A 175 12.13 12.01 -0.30
C ALA A 175 13.25 12.06 0.77
N ILE A 176 12.97 11.52 1.96
CA ILE A 176 13.96 11.33 3.01
C ILE A 176 15.15 10.57 2.47
N LEU A 177 16.32 11.21 2.42
CA LEU A 177 17.51 10.43 2.12
C LEU A 177 18.31 10.18 3.39
N ARG A 178 19.08 9.09 3.39
CA ARG A 178 19.84 8.67 4.57
C ARG A 178 21.27 8.30 4.19
N LEU A 179 22.21 8.73 5.03
CA LEU A 179 23.64 8.52 4.81
C LEU A 179 24.29 7.89 6.06
N ASP A 180 25.06 6.82 5.86
CA ASP A 180 25.75 6.14 6.95
C ASP A 180 27.11 6.75 7.29
N LEU A 181 27.10 8.02 7.71
CA LEU A 181 28.29 8.70 8.18
C LEU A 181 27.84 9.84 9.09
N ALA A 182 28.44 9.92 10.28
CA ALA A 182 28.07 10.94 11.26
C ALA A 182 29.18 11.12 12.29
N GLY A 183 28.83 11.78 13.39
CA GLY A 183 29.71 12.02 14.54
C GLY A 183 30.97 11.19 14.72
N ARG A 184 30.82 9.94 15.14
CA ARG A 184 31.99 9.14 15.48
C ARG A 184 32.74 8.61 14.29
N ASP A 185 32.19 8.68 13.09
CA ASP A 185 33.01 8.30 11.92
C ASP A 185 34.14 9.32 11.76
N LEU A 186 33.84 10.57 12.09
CA LEU A 186 34.80 11.65 12.04
C LEU A 186 35.79 11.52 13.19
N THR A 187 35.29 11.18 14.37
CA THR A 187 36.15 10.86 15.51
C THR A 187 37.08 9.68 15.16
N ASP A 188 36.50 8.62 14.62
CA ASP A 188 37.27 7.49 14.08
C ASP A 188 38.34 7.97 13.13
N TYR A 189 37.93 8.77 12.14
CA TYR A 189 38.81 9.27 11.09
C TYR A 189 39.95 10.10 11.65
N LEU A 190 39.62 11.07 12.50
CA LEU A 190 40.62 11.93 13.12
C LEU A 190 41.64 11.07 13.86
N MET A 191 41.14 10.10 14.63
CA MET A 191 41.97 9.11 15.28
C MET A 191 42.93 8.42 14.32
N LYS A 192 42.41 7.95 13.19
CA LYS A 192 43.20 7.23 12.19
C LYS A 192 44.35 8.07 11.63
N ILE A 193 44.12 9.37 11.40
CA ILE A 193 45.18 10.21 10.81
C ILE A 193 46.13 10.81 11.83
N LEU A 194 45.61 11.17 13.02
CA LEU A 194 46.48 11.67 14.09
C LEU A 194 47.41 10.60 14.60
N THR A 195 47.02 9.34 14.37
CA THR A 195 47.83 8.19 14.70
C THR A 195 48.85 7.94 13.60
N GLU A 196 48.38 8.02 12.36
CA GLU A 196 49.24 7.79 11.20
C GLU A 196 50.42 8.76 11.21
N ARG A 197 50.31 9.79 12.05
CA ARG A 197 51.25 10.89 12.07
C ARG A 197 52.09 10.87 13.35
N GLY A 198 51.74 9.97 14.28
CA GLY A 198 52.54 9.87 15.50
C GLY A 198 51.90 9.17 16.68
N TYR A 199 51.27 9.96 17.54
CA TYR A 199 50.68 9.48 18.78
C TYR A 199 49.63 8.39 18.55
N SER A 200 49.57 7.42 19.47
CA SER A 200 48.60 6.35 19.34
C SER A 200 47.32 6.66 20.12
N PHE A 201 46.19 6.58 19.42
CA PHE A 201 44.86 6.69 20.03
C PHE A 201 44.02 5.44 19.71
N THR A 202 43.87 4.55 20.69
CA THR A 202 43.10 3.30 20.51
C THR A 202 42.10 2.98 21.62
N THR A 203 42.29 3.56 22.81
CA THR A 203 41.44 3.27 23.97
C THR A 203 40.36 4.33 24.17
N THR A 204 39.19 3.88 24.64
CA THR A 204 38.05 4.76 24.94
C THR A 204 38.39 5.99 25.79
N ALA A 205 39.32 5.84 26.75
CA ALA A 205 39.79 6.98 27.54
C ALA A 205 40.50 8.02 26.68
N GLU A 206 41.32 7.55 25.72
CA GLU A 206 42.02 8.44 24.80
C GLU A 206 41.14 8.83 23.61
N ARG A 207 40.08 8.06 23.37
CA ARG A 207 39.12 8.36 22.31
C ARG A 207 38.31 9.61 22.60
N GLU A 208 38.05 9.88 23.87
CA GLU A 208 37.26 11.05 24.23
C GLU A 208 38.08 12.34 24.04
N ILE A 209 39.40 12.22 24.02
CA ILE A 209 40.24 13.39 23.74
C ILE A 209 40.38 13.68 22.25
N VAL A 210 40.18 12.67 21.40
CA VAL A 210 40.08 12.89 19.96
C VAL A 210 38.75 13.57 19.63
N ARG A 211 37.71 13.27 20.41
CA ARG A 211 36.45 13.99 20.32
C ARG A 211 36.68 15.44 20.64
N ASP A 212 37.64 15.72 21.51
CA ASP A 212 37.87 17.08 21.95
C ASP A 212 38.82 17.85 21.05
N ILE A 213 39.83 17.15 20.53
CA ILE A 213 40.69 17.70 19.48
C ILE A 213 39.79 18.14 18.33
N LYS A 214 38.83 17.27 18.02
CA LYS A 214 37.82 17.49 16.97
C LYS A 214 36.95 18.71 17.23
N GLU A 215 36.14 18.64 18.28
CA GLU A 215 35.15 19.67 18.56
C GLU A 215 35.76 21.04 18.87
N LYS A 216 36.93 21.07 19.49
CA LYS A 216 37.54 22.35 19.86
C LYS A 216 38.38 22.94 18.74
N LEU A 217 38.86 22.09 17.81
CA LEU A 217 39.81 22.55 16.80
C LEU A 217 39.51 22.24 15.33
N CYS A 218 38.39 21.55 15.05
CA CYS A 218 38.05 21.23 13.66
C CYS A 218 37.10 22.21 13.01
N TYR A 219 37.16 22.31 11.69
CA TYR A 219 36.33 23.23 10.93
C TYR A 219 36.13 22.79 9.48
N VAL A 220 35.10 23.30 8.82
CA VAL A 220 34.93 22.98 7.41
C VAL A 220 35.47 24.14 6.58
N ALA A 221 36.31 23.78 5.60
CA ALA A 221 36.87 24.72 4.65
C ALA A 221 35.79 25.00 3.62
N LEU A 222 35.78 26.21 3.07
CA LEU A 222 34.89 26.51 1.96
C LEU A 222 35.41 25.88 0.69
N ASP A 223 36.69 26.13 0.41
CA ASP A 223 37.36 25.52 -0.73
C ASP A 223 38.43 24.61 -0.19
N PHE A 224 38.31 23.32 -0.49
CA PHE A 224 39.24 22.34 0.06
C PHE A 224 40.64 22.52 -0.53
N GLU A 225 40.77 22.29 -1.84
CA GLU A 225 42.08 22.37 -2.54
C GLU A 225 42.91 23.63 -2.29
N GLN A 226 42.22 24.70 -1.89
CA GLN A 226 42.86 25.96 -1.53
C GLN A 226 43.47 25.87 -0.14
N GLU A 227 42.63 25.54 0.85
CA GLU A 227 43.05 25.38 2.26
C GLU A 227 44.06 24.26 2.45
N MET A 228 43.91 23.21 1.64
CA MET A 228 44.96 22.24 1.53
C MET A 228 46.27 22.99 1.20
N ALA A 229 46.28 23.80 0.14
CA ALA A 229 47.52 24.48 -0.34
C ALA A 229 48.00 25.64 0.53
N THR A 230 47.07 26.34 1.16
CA THR A 230 47.37 27.36 2.16
C THR A 230 48.27 26.74 3.20
N ALA A 231 47.87 25.54 3.65
CA ALA A 231 48.55 24.81 4.72
C ALA A 231 49.88 24.24 4.31
N ALA A 232 50.02 23.84 3.05
CA ALA A 232 51.28 23.29 2.59
C ALA A 232 52.24 24.43 2.33
N SER A 233 51.71 25.65 2.36
CA SER A 233 52.45 26.85 1.97
C SER A 233 52.96 27.64 3.17
N SER A 234 52.11 27.78 4.16
CA SER A 234 52.38 28.55 5.34
C SER A 234 51.84 27.77 6.53
N SER A 235 52.02 28.33 7.73
CA SER A 235 51.60 27.66 8.95
C SER A 235 50.52 28.42 9.71
N SER A 236 49.82 29.33 9.04
CA SER A 236 48.74 30.09 9.70
C SER A 236 47.59 29.21 10.14
N LEU A 237 47.56 27.99 9.62
CA LEU A 237 46.47 27.07 9.91
C LEU A 237 46.74 26.12 11.07
N GLU A 238 47.96 26.14 11.59
CA GLU A 238 48.35 25.27 12.71
C GLU A 238 47.66 25.72 14.00
N LYS A 239 47.36 24.77 14.89
CA LYS A 239 46.94 25.07 16.27
C LYS A 239 47.44 23.98 17.22
N SER A 240 47.87 24.40 18.42
CA SER A 240 48.37 23.47 19.43
C SER A 240 47.25 22.96 20.32
N TYR A 241 47.40 21.74 20.83
CA TYR A 241 46.46 21.22 21.81
C TYR A 241 47.13 20.53 22.98
N GLU A 242 46.72 20.92 24.19
CA GLU A 242 47.30 20.38 25.42
C GLU A 242 46.62 19.11 25.88
N LEU A 243 47.36 18.02 25.94
CA LEU A 243 46.83 16.79 26.48
C LEU A 243 46.93 16.89 28.01
N PRO A 244 46.34 15.91 28.75
CA PRO A 244 46.28 16.08 30.21
C PRO A 244 47.63 15.83 30.89
N ASP A 245 48.44 14.94 30.32
CA ASP A 245 49.79 14.66 30.83
C ASP A 245 50.77 15.81 30.59
N GLY A 246 50.37 16.78 29.76
CA GLY A 246 51.14 18.01 29.57
C GLY A 246 51.85 18.12 28.23
N GLN A 247 51.89 17.00 27.49
CA GLN A 247 52.46 16.98 26.14
C GLN A 247 51.49 17.63 25.15
N VAL A 248 51.86 18.80 24.64
CA VAL A 248 51.05 19.51 23.65
C VAL A 248 51.37 18.97 22.25
N ILE A 249 50.35 18.84 21.41
CA ILE A 249 50.53 18.39 20.03
C ILE A 249 49.96 19.43 19.05
N THR A 250 50.44 19.40 17.80
CA THR A 250 50.03 20.38 16.80
C THR A 250 49.41 19.77 15.54
N ILE A 251 48.13 20.04 15.33
CA ILE A 251 47.44 19.71 14.07
C ILE A 251 47.39 20.92 13.13
N GLY A 252 47.34 20.62 11.84
CA GLY A 252 47.29 21.65 10.81
C GLY A 252 46.18 21.33 9.84
N ASN A 253 46.52 20.58 8.80
CA ASN A 253 45.57 20.30 7.72
C ASN A 253 44.51 19.29 8.15
N GLU A 254 44.69 18.73 9.34
CA GLU A 254 43.76 17.75 9.90
C GLU A 254 42.54 18.44 10.53
N ARG A 255 42.65 19.75 10.80
CA ARG A 255 41.53 20.50 11.34
C ARG A 255 40.36 20.45 10.38
N PHE A 256 40.65 20.47 9.09
CA PHE A 256 39.60 20.45 8.07
C PHE A 256 39.53 19.16 7.25
N ARG A 257 40.58 18.36 7.28
CA ARG A 257 40.55 17.09 6.58
C ARG A 257 39.61 16.13 7.28
N CYS A 258 39.32 16.44 8.54
CA CYS A 258 38.38 15.63 9.30
C CYS A 258 36.92 15.84 8.83
N PRO A 259 36.40 17.08 8.89
CA PRO A 259 35.04 17.23 8.39
C PRO A 259 34.86 17.18 6.86
N GLU A 260 35.94 17.13 6.08
CA GLU A 260 35.80 16.93 4.64
C GLU A 260 35.15 15.59 4.36
N ALA A 261 35.09 14.75 5.38
CA ALA A 261 34.46 13.46 5.24
C ALA A 261 32.99 13.62 4.93
N LEU A 262 32.35 14.55 5.65
CA LEU A 262 30.96 14.92 5.42
C LEU A 262 30.68 15.26 3.96
N PHE A 263 31.62 15.96 3.33
CA PHE A 263 31.45 16.42 1.96
C PHE A 263 32.08 15.48 0.96
N GLN A 264 33.04 14.69 1.40
CA GLN A 264 33.64 13.66 0.55
C GLN A 264 33.77 12.36 1.35
N PRO A 265 32.73 11.51 1.33
CA PRO A 265 32.76 10.28 2.11
C PRO A 265 33.83 9.28 1.63
N SER A 266 34.38 9.49 0.43
CA SER A 266 35.43 8.61 -0.12
C SER A 266 36.70 8.61 0.74
N PHE A 267 36.94 9.71 1.45
CA PHE A 267 38.01 9.81 2.43
C PHE A 267 37.91 8.69 3.45
N LEU A 268 36.71 8.12 3.59
CA LEU A 268 36.48 7.01 4.48
C LEU A 268 36.22 5.75 3.66
N GLY A 269 36.62 5.78 2.39
CA GLY A 269 36.38 4.65 1.50
C GLY A 269 34.90 4.37 1.27
N MET A 270 34.11 5.43 1.24
CA MET A 270 32.68 5.30 0.95
C MET A 270 32.32 5.74 -0.47
N GLU A 271 31.46 4.94 -1.10
CA GLU A 271 30.97 5.20 -2.44
C GLU A 271 29.76 6.11 -2.41
N ALA A 272 29.29 6.46 -1.21
CA ALA A 272 28.16 7.40 -1.05
C ALA A 272 28.57 8.86 -1.23
N CYS A 273 27.62 9.70 -1.63
CA CYS A 273 27.88 11.12 -1.84
C CYS A 273 27.76 11.99 -0.59
N GLY A 274 28.51 13.10 -0.57
CA GLY A 274 28.56 14.06 0.55
C GLY A 274 27.26 14.65 1.04
N ILE A 275 27.30 15.28 2.20
CA ILE A 275 26.10 15.83 2.81
C ILE A 275 25.50 16.94 1.97
N HIS A 276 26.28 17.50 1.05
CA HIS A 276 25.84 18.61 0.21
C HIS A 276 24.93 18.11 -0.92
N GLU A 277 25.30 16.99 -1.54
CA GLU A 277 24.46 16.37 -2.56
C GLU A 277 23.30 15.60 -1.94
N THR A 278 23.53 14.98 -0.77
CA THR A 278 22.47 14.26 -0.07
C THR A 278 21.33 15.19 0.32
N THR A 279 21.59 16.50 0.39
CA THR A 279 20.53 17.49 0.64
C THR A 279 19.85 17.98 -0.63
N TYR A 280 20.62 18.19 -1.70
CA TYR A 280 20.06 18.62 -2.98
C TYR A 280 19.27 17.49 -3.63
N ASN A 281 19.88 16.31 -3.71
CA ASN A 281 19.23 15.12 -4.21
C ASN A 281 17.86 14.86 -3.59
N SER A 282 17.74 15.13 -2.29
CA SER A 282 16.46 14.98 -1.62
C SER A 282 15.46 15.98 -2.18
N ILE A 283 15.85 17.25 -2.23
CA ILE A 283 14.97 18.31 -2.72
C ILE A 283 14.41 17.98 -4.11
N MET A 284 15.20 17.31 -4.94
CA MET A 284 14.79 16.97 -6.31
C MET A 284 13.68 15.95 -6.40
N LYS A 285 13.56 15.07 -5.40
CA LYS A 285 12.47 14.11 -5.38
C LYS A 285 11.25 14.72 -4.69
N CYS A 286 11.34 16.02 -4.44
CA CYS A 286 10.22 16.78 -3.92
C CYS A 286 9.49 17.49 -5.05
N ASP A 287 8.35 18.06 -4.66
CA ASP A 287 7.46 18.70 -5.61
C ASP A 287 8.06 19.98 -6.16
N VAL A 288 7.95 20.15 -7.47
CA VAL A 288 8.51 21.29 -8.17
C VAL A 288 7.94 22.64 -7.66
N ASP A 289 6.89 22.59 -6.83
CA ASP A 289 6.24 23.79 -6.30
C ASP A 289 6.71 24.10 -4.88
N ILE A 290 7.51 23.20 -4.30
CA ILE A 290 8.10 23.44 -2.98
C ILE A 290 9.63 23.50 -2.97
N ARG A 291 10.27 23.09 -4.06
CA ARG A 291 11.72 23.10 -4.11
C ARG A 291 12.29 24.47 -3.75
N GLU A 292 11.65 25.51 -4.26
CA GLU A 292 12.03 26.90 -4.01
C GLU A 292 12.11 27.26 -2.51
N ASP A 293 11.12 26.84 -1.75
CA ASP A 293 11.05 27.10 -0.32
C ASP A 293 11.88 26.07 0.47
N LEU A 294 12.19 24.95 -0.19
CA LEU A 294 13.10 23.98 0.38
C LEU A 294 14.52 24.55 0.41
N TYR A 295 14.97 25.04 -0.75
CA TYR A 295 16.30 25.57 -0.94
C TYR A 295 16.62 26.71 -0.01
N ALA A 296 15.62 27.52 0.28
CA ALA A 296 15.79 28.72 1.08
C ALA A 296 15.48 28.46 2.54
N ASN A 297 15.27 27.18 2.86
CA ASN A 297 14.97 26.80 4.23
C ASN A 297 15.67 25.52 4.69
N THR A 298 16.83 25.26 4.11
CA THR A 298 17.66 24.17 4.57
C THR A 298 18.09 24.52 6.00
N VAL A 299 17.84 23.61 6.94
CA VAL A 299 18.10 23.85 8.35
C VAL A 299 19.02 22.79 8.92
N LEU A 300 20.06 23.24 9.61
CA LEU A 300 21.05 22.35 10.20
C LEU A 300 20.64 21.94 11.62
N SER A 301 20.81 20.66 11.91
CA SER A 301 20.38 20.09 13.18
C SER A 301 21.30 18.96 13.57
N GLY A 302 21.58 18.84 14.86
CA GLY A 302 22.50 17.82 15.34
C GLY A 302 23.87 18.38 15.63
N GLY A 303 24.63 17.64 16.41
CA GLY A 303 25.93 18.09 16.88
C GLY A 303 27.02 18.12 15.82
N THR A 304 26.89 17.30 14.79
CA THR A 304 27.94 17.17 13.79
C THR A 304 27.83 18.26 12.73
N THR A 305 26.83 19.12 12.89
CA THR A 305 26.66 20.28 12.01
C THR A 305 27.24 21.55 12.67
N MET A 306 27.98 21.35 13.75
CA MET A 306 28.44 22.45 14.59
C MET A 306 29.79 23.01 14.17
N TYR A 307 30.49 22.28 13.28
CA TYR A 307 31.72 22.76 12.66
C TYR A 307 31.54 24.16 12.09
N PRO A 308 32.50 25.05 12.36
CA PRO A 308 32.51 26.36 11.72
C PRO A 308 32.73 26.31 10.22
N GLY A 309 31.85 26.99 9.49
CA GLY A 309 31.95 27.09 8.05
C GLY A 309 31.21 25.98 7.32
N ILE A 310 30.47 25.17 8.07
CA ILE A 310 29.66 24.10 7.44
C ILE A 310 28.44 24.66 6.72
N ALA A 311 27.84 25.72 7.28
CA ALA A 311 26.75 26.42 6.62
C ALA A 311 27.26 27.10 5.33
N ASP A 312 28.44 27.71 5.42
CA ASP A 312 29.05 28.43 4.30
C ASP A 312 29.39 27.47 3.16
N ARG A 313 30.00 26.34 3.50
CA ARG A 313 30.34 25.36 2.49
C ARG A 313 29.08 24.81 1.84
N MET A 314 28.06 24.56 2.66
CA MET A 314 26.82 24.00 2.16
C MET A 314 26.25 24.91 1.09
N GLN A 315 26.09 26.19 1.41
CA GLN A 315 25.53 27.13 0.44
C GLN A 315 26.31 27.09 -0.88
N LYS A 316 27.63 27.10 -0.77
CA LYS A 316 28.50 27.12 -1.92
C LYS A 316 28.28 25.89 -2.79
N GLU A 317 28.06 24.76 -2.13
CA GLU A 317 27.90 23.49 -2.81
C GLU A 317 26.53 23.36 -3.44
N ILE A 318 25.51 23.75 -2.70
CA ILE A 318 24.15 23.58 -3.14
C ILE A 318 23.70 24.68 -4.11
N THR A 319 24.57 25.67 -4.34
CA THR A 319 24.30 26.68 -5.35
C THR A 319 24.92 26.22 -6.67
N ALA A 320 25.96 25.42 -6.57
CA ALA A 320 26.64 24.88 -7.74
C ALA A 320 25.87 23.68 -8.25
N LEU A 321 25.04 23.11 -7.39
CA LEU A 321 24.19 22.00 -7.79
C LEU A 321 22.85 22.49 -8.32
N ALA A 322 22.22 23.41 -7.60
CA ALA A 322 20.93 23.99 -7.97
C ALA A 322 20.95 24.76 -9.29
N LYS A 323 19.74 25.05 -9.79
CA LYS A 323 19.57 25.94 -10.95
C LYS A 323 19.83 27.39 -10.53
N SER A 324 20.23 28.20 -11.51
CA SER A 324 20.72 29.56 -11.29
C SER A 324 19.82 30.47 -10.46
N THR A 325 18.52 30.34 -10.60
CA THR A 325 17.66 31.39 -10.09
C THR A 325 17.23 31.30 -8.62
N MET A 326 17.42 30.12 -8.02
CA MET A 326 16.99 29.91 -6.62
C MET A 326 17.96 30.54 -5.63
N LYS A 327 17.41 31.13 -4.56
CA LYS A 327 18.22 31.54 -3.41
C LYS A 327 18.36 30.38 -2.44
N ILE A 328 19.60 30.10 -2.06
CA ILE A 328 19.89 29.02 -1.13
C ILE A 328 20.21 29.66 0.21
N LYS A 329 19.27 29.60 1.14
CA LYS A 329 19.51 30.10 2.50
C LYS A 329 19.65 28.92 3.45
N ILE A 330 20.75 28.90 4.19
CA ILE A 330 21.05 27.78 5.06
C ILE A 330 21.05 28.21 6.51
N ILE A 331 20.02 27.78 7.22
CA ILE A 331 19.81 28.22 8.60
C ILE A 331 20.36 27.22 9.63
N ALA A 332 21.24 27.75 10.48
CA ALA A 332 21.88 26.94 11.49
C ALA A 332 21.67 27.60 12.86
N PRO A 333 20.64 27.16 13.59
CA PRO A 333 20.40 27.74 14.91
C PRO A 333 21.61 27.56 15.83
N PRO A 334 21.89 28.58 16.65
CA PRO A 334 22.95 28.59 17.66
C PRO A 334 22.83 27.50 18.72
N GLU A 335 21.63 26.93 18.88
CA GLU A 335 21.45 25.89 19.90
C GLU A 335 20.99 24.57 19.31
N ARG A 336 21.50 24.24 18.13
CA ARG A 336 21.03 23.05 17.40
C ARG A 336 21.53 21.74 18.00
N LYS A 337 22.13 21.84 19.17
CA LYS A 337 22.50 20.68 19.95
C LYS A 337 21.28 20.21 20.78
N TYR A 338 20.53 21.18 21.33
CA TYR A 338 19.31 20.88 22.07
C TYR A 338 18.02 21.31 21.33
N SER A 339 18.12 21.54 20.02
CA SER A 339 17.00 22.07 19.27
C SER A 339 15.86 21.07 19.12
N VAL A 340 16.22 19.82 18.86
CA VAL A 340 15.22 18.77 18.75
C VAL A 340 14.35 18.72 20.00
N TRP A 341 14.96 18.98 21.14
CA TRP A 341 14.22 19.06 22.36
C TRP A 341 13.39 20.34 22.34
N ILE A 342 14.05 21.48 22.13
CA ILE A 342 13.40 22.80 22.20
C ILE A 342 12.18 22.92 21.28
N GLY A 343 12.32 22.39 20.06
CA GLY A 343 11.22 22.38 19.11
C GLY A 343 10.03 21.60 19.61
N GLY A 344 10.27 20.64 20.49
CA GLY A 344 9.20 19.83 21.07
C GLY A 344 8.65 20.48 22.31
N SER A 345 9.55 21.06 23.10
CA SER A 345 9.19 21.80 24.30
C SER A 345 8.18 22.89 23.95
N ILE A 346 8.37 23.53 22.80
CA ILE A 346 7.43 24.56 22.37
C ILE A 346 6.11 23.96 21.86
N LEU A 347 6.20 22.84 21.14
CA LEU A 347 5.03 22.13 20.61
C LEU A 347 4.08 21.65 21.70
N ALA A 348 4.65 20.99 22.72
CA ALA A 348 3.86 20.44 23.79
C ALA A 348 3.13 21.52 24.57
N SER A 349 3.64 22.75 24.47
CA SER A 349 3.06 23.86 25.21
C SER A 349 1.97 24.59 24.45
N LEU A 350 2.08 24.62 23.13
CA LEU A 350 1.07 25.25 22.30
C LEU A 350 -0.32 24.71 22.62
N SER A 351 -1.23 25.61 23.05
CA SER A 351 -2.62 25.26 23.41
C SER A 351 -3.24 24.39 22.34
N THR A 352 -2.91 24.71 21.09
CA THR A 352 -3.46 24.03 19.93
C THR A 352 -3.10 22.54 19.87
N PHE A 353 -2.05 22.15 20.60
CA PHE A 353 -1.52 20.79 20.56
C PHE A 353 -2.23 19.80 21.52
N GLN A 354 -2.96 20.31 22.50
CA GLN A 354 -3.53 19.45 23.56
C GLN A 354 -4.53 18.41 23.05
N GLN A 355 -5.27 18.76 22.00
CA GLN A 355 -6.21 17.84 21.38
C GLN A 355 -5.49 16.80 20.51
N MET A 356 -4.21 17.06 20.26
CA MET A 356 -3.42 16.26 19.34
C MET A 356 -2.67 15.08 19.99
N TRP A 357 -2.76 14.96 21.32
CA TRP A 357 -2.11 13.87 22.04
C TRP A 357 -2.70 12.50 21.69
N ILE A 358 -2.34 11.48 22.45
CA ILE A 358 -3.00 10.19 22.40
C ILE A 358 -3.48 9.83 23.79
N SER A 359 -4.79 9.70 23.95
CA SER A 359 -5.43 9.37 25.23
C SER A 359 -5.17 7.92 25.60
N LYS A 360 -5.11 7.66 26.91
CA LYS A 360 -5.00 6.31 27.44
C LYS A 360 -6.23 5.48 27.04
N GLN A 361 -7.40 6.12 27.04
CA GLN A 361 -8.64 5.55 26.54
C GLN A 361 -8.45 5.00 25.13
N GLU A 362 -8.08 5.90 24.21
CA GLU A 362 -7.91 5.57 22.79
C GLU A 362 -7.00 4.36 22.62
N TYR A 363 -5.92 4.34 23.40
CA TYR A 363 -5.00 3.20 23.40
C TYR A 363 -5.68 1.96 23.96
N ASP A 364 -6.36 2.12 25.10
CA ASP A 364 -6.98 0.99 25.77
C ASP A 364 -8.11 0.39 24.95
N GLU A 365 -8.56 1.13 23.94
CA GLU A 365 -9.57 0.65 23.02
C GLU A 365 -8.98 0.03 21.75
N SER A 366 -7.99 0.70 21.17
CA SER A 366 -7.46 0.31 19.86
C SER A 366 -6.07 -0.34 19.89
N GLY A 367 -5.40 -0.26 21.03
CA GLY A 367 -4.03 -0.78 21.13
C GLY A 367 -3.03 0.17 20.52
N PRO A 368 -1.74 -0.18 20.60
CA PRO A 368 -0.64 0.70 20.19
C PRO A 368 -0.71 1.12 18.71
N SER A 369 -1.64 0.52 17.97
CA SER A 369 -1.76 0.69 16.53
C SER A 369 -2.25 2.08 16.13
N ILE A 370 -2.83 2.79 17.08
CA ILE A 370 -3.45 4.08 16.81
C ILE A 370 -2.44 5.21 16.53
N VAL A 371 -1.16 4.88 16.60
CA VAL A 371 -0.07 5.86 16.59
C VAL A 371 0.39 6.26 15.18
N HIS A 372 0.05 5.44 14.19
CA HIS A 372 0.41 5.76 12.79
C HIS A 372 -0.58 6.73 12.18
N ARG A 373 -1.77 6.76 12.77
CA ARG A 373 -2.87 7.55 12.27
C ARG A 373 -2.97 8.84 13.08
N LYS A 374 -2.80 8.72 14.40
CA LYS A 374 -2.82 9.90 15.29
C LYS A 374 -1.57 10.78 15.18
N CYS A 375 -0.44 10.19 14.80
CA CYS A 375 0.80 10.95 14.76
C CYS A 375 1.27 11.21 13.34
N PHE A 376 0.98 10.28 12.44
CA PHE A 376 1.38 10.39 11.04
C PHE A 376 2.87 10.07 10.92
N VAL B 177 -24.26 13.24 -53.91
CA VAL B 177 -24.82 14.62 -54.06
C VAL B 177 -26.08 14.77 -53.21
N ILE B 178 -26.13 15.85 -52.41
CA ILE B 178 -27.29 16.16 -51.57
C ILE B 178 -28.56 16.03 -52.39
N GLU B 179 -28.63 16.88 -53.41
CA GLU B 179 -29.83 17.05 -54.22
C GLU B 179 -30.23 15.82 -55.04
N ASP B 180 -29.24 15.10 -55.56
CA ASP B 180 -29.49 13.89 -56.36
C ASP B 180 -29.99 12.72 -55.51
N ALA B 181 -29.42 12.58 -54.31
CA ALA B 181 -29.91 11.58 -53.36
C ALA B 181 -31.30 11.98 -52.85
N LEU B 182 -31.52 13.28 -52.66
CA LEU B 182 -32.82 13.82 -52.29
C LEU B 182 -33.81 13.64 -53.44
N ASP B 183 -33.31 13.78 -54.68
CA ASP B 183 -34.13 13.53 -55.87
C ASP B 183 -34.70 12.13 -55.82
N LYS B 184 -33.85 11.14 -55.54
CA LYS B 184 -34.28 9.75 -55.37
C LYS B 184 -35.33 9.57 -54.27
N ILE B 185 -35.17 10.31 -53.18
CA ILE B 185 -36.04 10.19 -52.00
C ILE B 185 -37.52 10.41 -52.32
N LYS B 186 -37.84 11.63 -52.75
CA LYS B 186 -39.20 12.01 -53.08
C LYS B 186 -39.62 11.43 -54.42
N SER B 187 -38.64 11.06 -55.23
CA SER B 187 -38.88 10.34 -56.47
C SER B 187 -39.31 8.91 -56.17
N ASN B 188 -39.01 8.46 -54.95
CA ASN B 188 -39.30 7.10 -54.51
C ASN B 188 -38.48 6.05 -55.25
N ASP B 189 -37.27 6.43 -55.66
CA ASP B 189 -36.41 5.56 -56.48
C ASP B 189 -36.29 4.16 -55.85
N PRO B 190 -36.79 3.13 -56.56
CA PRO B 190 -36.82 1.76 -56.04
C PRO B 190 -35.44 1.23 -55.65
N ASP B 191 -34.41 1.57 -56.41
CA ASP B 191 -33.04 1.09 -56.13
C ASP B 191 -32.30 1.97 -55.11
N THR B 192 -33.07 2.62 -54.22
CA THR B 192 -32.50 3.45 -53.15
C THR B 192 -33.13 3.07 -51.80
N THR B 193 -32.29 2.57 -50.89
CA THR B 193 -32.74 2.14 -49.56
C THR B 193 -32.00 2.88 -48.44
N GLU B 194 -30.82 3.41 -48.76
CA GLU B 194 -29.98 4.09 -47.78
C GLU B 194 -29.75 5.56 -48.09
N VAL B 195 -30.15 6.41 -47.14
CA VAL B 195 -29.77 7.82 -47.13
C VAL B 195 -28.61 7.91 -46.17
N ASN B 196 -27.42 8.15 -46.72
CA ASN B 196 -26.21 8.14 -45.90
C ASN B 196 -25.54 9.51 -45.85
N LEU B 197 -26.16 10.44 -45.14
CA LEU B 197 -25.62 11.79 -44.99
C LEU B 197 -24.48 11.76 -43.98
N ASN B 198 -23.41 11.10 -44.40
CA ASN B 198 -22.27 10.78 -43.56
C ASN B 198 -21.32 11.95 -43.39
N ASN B 199 -21.24 12.51 -42.19
CA ASN B 199 -20.03 13.26 -41.85
C ASN B 199 -19.75 14.48 -42.75
N ILE B 200 -20.44 14.56 -43.89
CA ILE B 200 -20.25 15.64 -44.86
C ILE B 200 -20.79 16.93 -44.30
N GLU B 201 -20.20 18.06 -44.68
CA GLU B 201 -20.66 19.36 -44.20
C GLU B 201 -22.18 19.32 -44.13
N ASN B 202 -22.81 19.05 -45.28
CA ASN B 202 -24.24 18.89 -45.41
C ASN B 202 -25.05 19.72 -44.40
N ILE B 203 -24.64 20.99 -44.23
CA ILE B 203 -25.30 21.85 -43.26
C ILE B 203 -26.64 22.30 -43.81
N THR B 204 -27.63 22.34 -42.93
CA THR B 204 -28.86 23.13 -43.06
C THR B 204 -29.94 22.48 -42.20
N THR B 205 -30.43 23.21 -41.20
CA THR B 205 -31.56 22.73 -40.42
C THR B 205 -32.78 22.62 -41.34
N GLN B 206 -32.87 23.55 -42.31
CA GLN B 206 -33.91 23.50 -43.32
C GLN B 206 -33.71 22.35 -44.31
N THR B 207 -32.48 22.17 -44.80
CA THR B 207 -32.12 21.08 -45.70
C THR B 207 -32.44 19.73 -45.09
N LEU B 208 -31.98 19.52 -43.86
CA LEU B 208 -32.29 18.28 -43.15
C LEU B 208 -33.76 18.27 -42.66
N THR B 209 -34.38 19.46 -42.58
CA THR B 209 -35.83 19.56 -42.34
C THR B 209 -36.61 19.13 -43.58
N ARG B 210 -36.07 19.45 -44.74
CA ARG B 210 -36.67 19.03 -46.00
C ARG B 210 -36.55 17.52 -46.15
N PHE B 211 -35.34 17.01 -45.92
CA PHE B 211 -35.06 15.58 -45.88
C PHE B 211 -36.08 14.82 -45.05
N ALA B 212 -36.41 15.36 -43.88
CA ALA B 212 -37.42 14.76 -42.99
C ALA B 212 -38.75 14.60 -43.70
N GLU B 213 -39.29 15.71 -44.20
CA GLU B 213 -40.56 15.69 -44.92
C GLU B 213 -40.46 14.92 -46.24
N ALA B 214 -39.33 15.06 -46.92
CA ALA B 214 -39.07 14.29 -48.13
C ALA B 214 -39.27 12.80 -47.93
N LEU B 215 -39.12 12.35 -46.68
CA LEU B 215 -39.32 10.94 -46.33
C LEU B 215 -40.67 10.76 -45.64
N LYS B 216 -41.33 11.88 -45.36
CA LYS B 216 -42.55 11.91 -44.55
C LYS B 216 -43.71 11.10 -45.15
N ASP B 217 -43.56 10.71 -46.43
CA ASP B 217 -44.52 9.85 -47.13
C ASP B 217 -43.78 8.83 -48.01
N ASN B 218 -42.55 8.49 -47.61
CA ASN B 218 -41.68 7.58 -48.37
C ASN B 218 -41.94 6.11 -48.02
N THR B 219 -41.40 5.20 -48.84
CA THR B 219 -41.54 3.77 -48.61
C THR B 219 -40.30 2.95 -48.97
N VAL B 220 -39.36 3.55 -49.69
CA VAL B 220 -38.16 2.82 -50.11
C VAL B 220 -36.92 3.09 -49.25
N VAL B 221 -37.10 3.74 -48.10
CA VAL B 221 -35.96 4.03 -47.23
C VAL B 221 -36.03 3.27 -45.91
N LYS B 222 -35.05 2.41 -45.68
CA LYS B 222 -34.99 1.58 -44.47
C LYS B 222 -33.88 2.00 -43.50
N THR B 223 -33.09 3.00 -43.91
CA THR B 223 -32.04 3.60 -43.08
C THR B 223 -31.78 5.04 -43.47
N PHE B 224 -32.01 5.93 -42.49
CA PHE B 224 -31.75 7.35 -42.67
C PHE B 224 -30.74 7.76 -41.60
N SER B 225 -29.51 8.02 -42.05
CA SER B 225 -28.39 8.33 -41.16
C SER B 225 -27.71 9.65 -41.49
N LEU B 226 -27.61 10.52 -40.50
CA LEU B 226 -26.93 11.78 -40.63
C LEU B 226 -25.97 11.94 -39.45
N ALA B 227 -24.89 11.13 -39.52
CA ALA B 227 -23.89 11.20 -38.46
C ALA B 227 -22.90 12.32 -38.73
N ASN B 228 -22.72 13.19 -37.74
CA ASN B 228 -21.73 14.27 -37.80
C ASN B 228 -22.11 15.30 -38.84
N THR B 229 -23.26 15.94 -38.64
CA THR B 229 -23.79 16.90 -39.59
C THR B 229 -24.21 18.19 -38.91
N HIS B 230 -23.78 18.38 -37.66
CA HIS B 230 -24.26 19.49 -36.83
C HIS B 230 -25.78 19.53 -36.86
N ALA B 231 -26.42 18.43 -36.52
CA ALA B 231 -27.86 18.47 -36.36
C ALA B 231 -28.26 19.02 -34.98
N ASP B 232 -29.46 19.58 -34.89
CA ASP B 232 -29.97 20.10 -33.63
C ASP B 232 -31.43 19.70 -33.41
N ASP B 233 -31.99 20.23 -32.33
CA ASP B 233 -33.37 19.96 -31.92
C ASP B 233 -34.36 20.27 -33.05
N SER B 234 -33.99 21.24 -33.89
CA SER B 234 -34.77 21.58 -35.09
C SER B 234 -34.86 20.35 -35.97
N ALA B 235 -33.70 19.82 -36.36
CA ALA B 235 -33.67 18.61 -37.18
C ALA B 235 -34.31 17.48 -36.40
N ALA B 236 -34.01 17.42 -35.11
CA ALA B 236 -34.55 16.35 -34.28
C ALA B 236 -36.07 16.37 -34.24
N MET B 237 -36.63 17.58 -34.17
CA MET B 237 -38.09 17.76 -34.23
C MET B 237 -38.60 17.38 -35.62
N ALA B 238 -37.92 17.89 -36.64
CA ALA B 238 -38.20 17.52 -38.02
C ALA B 238 -38.24 16.02 -38.15
N ILE B 239 -37.23 15.34 -37.58
CA ILE B 239 -37.15 13.87 -37.61
C ILE B 239 -38.19 13.22 -36.70
N ALA B 240 -38.50 13.87 -35.58
CA ALA B 240 -39.42 13.35 -34.55
C ALA B 240 -40.85 13.11 -35.07
N GLU B 241 -41.43 14.17 -35.64
CA GLU B 241 -42.78 14.14 -36.21
C GLU B 241 -42.84 13.19 -37.41
N MET B 242 -41.78 13.21 -38.22
CA MET B 242 -41.66 12.35 -39.37
C MET B 242 -41.84 10.88 -39.00
N LEU B 243 -41.37 10.48 -37.84
CA LEU B 243 -41.46 9.09 -37.41
C LEU B 243 -42.90 8.59 -37.34
N LYS B 244 -43.79 9.41 -36.75
CA LYS B 244 -45.20 9.04 -36.56
C LYS B 244 -45.99 9.23 -37.85
N VAL B 245 -45.26 9.57 -38.91
CA VAL B 245 -45.85 9.84 -40.19
C VAL B 245 -45.07 9.06 -41.27
N ASN B 246 -44.36 8.04 -40.82
CA ASN B 246 -43.58 7.15 -41.69
C ASN B 246 -43.61 5.74 -41.13
N GLU B 247 -43.75 4.76 -42.02
CA GLU B 247 -43.92 3.36 -41.59
C GLU B 247 -43.01 2.40 -42.35
N HIS B 248 -41.79 2.86 -42.65
CA HIS B 248 -40.86 2.05 -43.45
C HIS B 248 -39.40 2.10 -43.02
N ILE B 249 -39.04 3.15 -42.27
CA ILE B 249 -37.71 3.25 -41.68
C ILE B 249 -37.62 2.34 -40.47
N THR B 250 -36.64 1.45 -40.50
CA THR B 250 -36.35 0.58 -39.35
C THR B 250 -35.16 1.10 -38.55
N ASN B 251 -34.45 2.08 -39.10
CA ASN B 251 -33.19 2.52 -38.51
C ASN B 251 -32.88 4.00 -38.71
N VAL B 252 -32.84 4.75 -37.61
CA VAL B 252 -32.47 6.16 -37.63
C VAL B 252 -31.14 6.35 -36.88
N ASN B 253 -30.24 7.14 -37.45
CA ASN B 253 -28.93 7.33 -36.85
C ASN B 253 -28.47 8.78 -36.82
N VAL B 254 -29.04 9.53 -35.89
CA VAL B 254 -28.55 10.87 -35.62
C VAL B 254 -27.37 10.72 -34.65
N GLU B 255 -26.15 10.98 -35.13
CA GLU B 255 -25.00 10.80 -34.25
C GLU B 255 -23.98 11.91 -34.37
N SER B 256 -23.21 12.09 -33.30
CA SER B 256 -22.13 13.06 -33.25
C SER B 256 -22.65 14.46 -33.55
N ASN B 257 -23.87 14.74 -33.10
CA ASN B 257 -24.50 16.00 -33.40
C ASN B 257 -24.45 16.95 -32.21
N PHE B 258 -25.36 17.91 -32.22
CA PHE B 258 -25.45 18.91 -31.18
C PHE B 258 -26.86 18.95 -30.60
N ILE B 259 -27.55 17.81 -30.63
CA ILE B 259 -28.92 17.71 -30.12
C ILE B 259 -28.92 17.74 -28.61
N THR B 260 -29.69 18.69 -28.05
CA THR B 260 -29.91 18.80 -26.61
C THR B 260 -31.00 17.81 -26.22
N GLY B 261 -31.24 17.65 -24.92
CA GLY B 261 -32.30 16.76 -24.46
C GLY B 261 -33.67 17.20 -24.95
N LYS B 262 -33.74 18.45 -25.40
CA LYS B 262 -34.98 19.05 -25.86
C LYS B 262 -35.39 18.39 -27.17
N GLY B 263 -34.40 18.06 -28.00
CA GLY B 263 -34.65 17.39 -29.27
C GLY B 263 -34.75 15.88 -29.17
N ILE B 264 -33.91 15.28 -28.34
CA ILE B 264 -33.95 13.83 -28.12
C ILE B 264 -35.33 13.43 -27.63
N LEU B 265 -35.85 14.21 -26.68
CA LEU B 265 -37.18 13.95 -26.16
C LEU B 265 -38.27 14.12 -27.22
N ALA B 266 -37.99 14.93 -28.25
CA ALA B 266 -38.91 15.06 -29.37
C ALA B 266 -39.09 13.69 -30.03
N ILE B 267 -37.99 13.18 -30.59
CA ILE B 267 -37.94 11.86 -31.20
C ILE B 267 -38.53 10.82 -30.25
N MET B 268 -38.44 11.09 -28.96
CA MET B 268 -38.81 10.11 -27.94
C MET B 268 -40.32 9.89 -27.81
N ARG B 269 -41.07 10.99 -27.66
CA ARG B 269 -42.53 10.94 -27.55
C ARG B 269 -43.18 10.49 -28.86
N ALA B 270 -42.64 10.97 -30.00
CA ALA B 270 -43.01 10.46 -31.32
C ALA B 270 -43.08 8.94 -31.31
N LEU B 271 -42.01 8.34 -30.79
CA LEU B 271 -41.90 6.90 -30.67
C LEU B 271 -42.84 6.26 -29.63
N GLN B 272 -43.74 7.02 -29.03
CA GLN B 272 -44.68 6.45 -28.03
C GLN B 272 -45.74 5.58 -28.70
N HIS B 273 -45.91 5.78 -30.00
CA HIS B 273 -46.82 4.98 -30.80
C HIS B 273 -46.34 4.92 -32.25
N ASN B 274 -45.08 4.54 -32.42
CA ASN B 274 -44.52 4.22 -33.73
C ASN B 274 -44.01 2.79 -33.79
N THR B 275 -44.58 2.02 -34.71
CA THR B 275 -44.30 0.60 -34.84
C THR B 275 -43.64 0.32 -36.19
N VAL B 276 -42.31 0.41 -36.22
CA VAL B 276 -41.50 0.12 -37.41
C VAL B 276 -40.04 0.39 -37.10
N LEU B 277 -39.79 1.51 -36.41
CA LEU B 277 -38.45 1.84 -35.99
C LEU B 277 -37.97 0.79 -35.02
N THR B 278 -36.79 0.24 -35.31
CA THR B 278 -36.31 -0.92 -34.59
C THR B 278 -34.91 -0.69 -34.02
N GLU B 279 -34.25 0.39 -34.47
CA GLU B 279 -32.93 0.82 -33.94
C GLU B 279 -32.78 2.32 -34.10
N LEU B 280 -32.37 3.00 -33.02
CA LEU B 280 -32.04 4.42 -33.10
C LEU B 280 -30.79 4.76 -32.30
N ARG B 281 -29.90 5.56 -32.89
CA ARG B 281 -28.69 5.94 -32.19
C ARG B 281 -28.55 7.46 -32.11
N PHE B 282 -28.18 7.95 -30.92
CA PHE B 282 -27.87 9.37 -30.72
C PHE B 282 -26.56 9.61 -29.95
N HIS B 283 -25.61 8.68 -30.11
CA HIS B 283 -24.30 8.75 -29.46
C HIS B 283 -23.57 10.06 -29.73
N ASN B 284 -22.65 10.43 -28.82
CA ASN B 284 -21.64 11.46 -29.09
C ASN B 284 -22.18 12.89 -29.32
N GLN B 285 -23.03 13.39 -28.41
CA GLN B 285 -23.68 14.69 -28.60
C GLN B 285 -22.81 15.86 -28.13
N ARG B 286 -23.39 17.07 -28.15
CA ARG B 286 -22.68 18.26 -27.67
C ARG B 286 -22.42 18.12 -26.19
N HIS B 287 -23.43 18.45 -25.39
CA HIS B 287 -23.32 18.36 -23.95
C HIS B 287 -23.98 17.08 -23.46
N ILE B 288 -23.75 16.78 -22.19
CA ILE B 288 -24.38 15.64 -21.52
C ILE B 288 -25.87 15.73 -21.68
N MET B 289 -26.53 14.58 -21.77
CA MET B 289 -27.97 14.56 -21.90
C MET B 289 -28.66 15.15 -20.67
N GLY B 290 -28.13 14.84 -19.49
CA GLY B 290 -28.77 15.24 -18.27
C GLY B 290 -29.16 14.01 -17.48
N SER B 291 -30.17 14.17 -16.64
CA SER B 291 -30.54 13.14 -15.71
C SER B 291 -32.04 12.90 -15.78
N GLN B 292 -32.82 13.97 -15.63
CA GLN B 292 -34.25 13.86 -15.79
C GLN B 292 -34.49 13.53 -17.25
N VAL B 293 -33.78 14.25 -18.13
CA VAL B 293 -33.79 13.99 -19.57
C VAL B 293 -33.53 12.53 -19.85
N GLU B 294 -32.69 11.93 -19.02
CA GLU B 294 -32.36 10.53 -19.15
C GLU B 294 -33.45 9.63 -18.57
N MET B 295 -34.01 10.04 -17.45
CA MET B 295 -35.12 9.30 -16.85
C MET B 295 -36.40 9.41 -17.69
N GLU B 296 -36.46 10.45 -18.52
CA GLU B 296 -37.56 10.60 -19.46
C GLU B 296 -37.53 9.45 -20.45
N ILE B 297 -36.39 9.34 -21.15
CA ILE B 297 -36.20 8.32 -22.18
C ILE B 297 -36.65 6.93 -21.74
N VAL B 298 -36.45 6.58 -20.47
CA VAL B 298 -36.77 5.23 -20.02
C VAL B 298 -38.26 5.09 -19.67
N LYS B 299 -38.79 6.05 -18.93
CA LYS B 299 -40.23 6.10 -18.64
C LYS B 299 -41.04 6.36 -19.93
N LEU B 300 -40.49 7.20 -20.80
CA LEU B 300 -41.14 7.54 -22.06
C LEU B 300 -41.25 6.29 -22.93
N LEU B 301 -40.12 5.78 -23.39
CA LEU B 301 -40.10 4.59 -24.25
C LEU B 301 -40.71 3.34 -23.62
N LYS B 302 -41.13 3.42 -22.36
CA LYS B 302 -41.61 2.24 -21.63
C LYS B 302 -42.81 1.56 -22.31
N GLU B 303 -43.60 2.34 -23.05
CA GLU B 303 -44.77 1.81 -23.75
C GLU B 303 -44.54 1.55 -25.24
N ASN B 304 -43.27 1.49 -25.62
CA ASN B 304 -42.89 1.08 -26.95
C ASN B 304 -42.51 -0.39 -26.90
N THR B 305 -42.99 -1.16 -27.87
CA THR B 305 -42.75 -2.61 -27.90
C THR B 305 -42.01 -3.01 -29.18
N THR B 306 -41.55 -1.99 -29.89
CA THR B 306 -41.04 -2.18 -31.24
C THR B 306 -39.55 -1.95 -31.36
N LEU B 307 -39.04 -0.98 -30.62
CA LEU B 307 -37.64 -0.58 -30.72
C LEU B 307 -36.76 -1.70 -30.17
N LEU B 308 -35.80 -2.15 -30.99
CA LEU B 308 -34.91 -3.25 -30.59
C LEU B 308 -33.56 -2.81 -30.03
N ARG B 309 -32.97 -1.75 -30.59
CA ARG B 309 -31.64 -1.30 -30.18
C ARG B 309 -31.56 0.23 -30.04
N LEU B 310 -31.17 0.69 -28.85
CA LEU B 310 -31.09 2.13 -28.56
C LEU B 310 -29.65 2.58 -28.34
N GLY B 311 -29.02 3.09 -29.40
CA GLY B 311 -27.63 3.54 -29.37
C GLY B 311 -27.31 4.79 -28.54
N TYR B 312 -27.23 4.60 -27.22
CA TYR B 312 -26.78 5.64 -26.28
C TYR B 312 -26.37 5.02 -24.95
N HIS B 313 -25.31 5.58 -24.35
CA HIS B 313 -24.83 5.14 -23.03
C HIS B 313 -25.40 6.00 -21.89
N PHE B 314 -26.35 5.42 -21.19
CA PHE B 314 -26.88 6.04 -19.98
C PHE B 314 -25.78 6.16 -18.93
N GLU B 315 -25.64 7.33 -18.33
CA GLU B 315 -24.64 7.54 -17.29
C GLU B 315 -25.31 7.45 -15.95
N LEU B 316 -26.46 6.82 -15.94
CA LEU B 316 -27.19 6.61 -14.71
C LEU B 316 -27.74 5.21 -14.73
N PRO B 317 -27.34 4.40 -13.74
CA PRO B 317 -27.58 2.97 -13.66
C PRO B 317 -29.05 2.57 -13.47
N GLY B 318 -29.83 3.44 -12.84
CA GLY B 318 -31.27 3.21 -12.69
C GLY B 318 -31.94 3.14 -14.06
N PRO B 319 -32.04 4.30 -14.75
CA PRO B 319 -32.37 4.37 -16.16
C PRO B 319 -31.77 3.21 -16.96
N ARG B 320 -30.45 3.20 -17.13
CA ARG B 320 -29.74 2.19 -17.94
C ARG B 320 -30.26 0.78 -17.73
N MET B 321 -30.46 0.38 -16.48
CA MET B 321 -30.96 -0.95 -16.16
C MET B 321 -32.42 -1.13 -16.54
N SER B 322 -33.22 -0.09 -16.33
CA SER B 322 -34.60 -0.07 -16.81
C SER B 322 -34.62 -0.22 -18.32
N MET B 323 -33.85 0.61 -19.01
CA MET B 323 -33.82 0.57 -20.46
C MET B 323 -33.54 -0.83 -20.99
N THR B 324 -32.38 -1.37 -20.64
CA THR B 324 -31.96 -2.65 -21.22
C THR B 324 -33.04 -3.73 -21.13
N SER B 325 -33.71 -3.81 -19.98
CA SER B 325 -34.81 -4.76 -19.82
C SER B 325 -35.93 -4.54 -20.85
N ILE B 326 -36.27 -3.27 -21.10
CA ILE B 326 -37.26 -2.93 -22.12
C ILE B 326 -36.89 -3.57 -23.45
N LEU B 327 -35.75 -3.17 -24.01
CA LEU B 327 -35.30 -3.71 -25.29
C LEU B 327 -35.21 -5.24 -25.25
N THR B 328 -35.14 -5.80 -24.06
CA THR B 328 -35.15 -7.24 -23.92
C THR B 328 -36.58 -7.77 -24.05
N ARG B 329 -37.55 -7.12 -23.40
CA ARG B 329 -38.96 -7.54 -23.53
C ARG B 329 -39.53 -7.27 -24.93
N ASN B 330 -39.16 -6.15 -25.54
CA ASN B 330 -39.48 -5.89 -26.94
C ASN B 330 -39.03 -7.03 -27.85
N MET B 331 -37.79 -7.46 -27.70
CA MET B 331 -37.26 -8.55 -28.50
C MET B 331 -37.93 -9.87 -28.16
N ASP B 332 -38.31 -10.06 -26.91
CA ASP B 332 -38.93 -11.31 -26.50
C ASP B 332 -40.22 -11.55 -27.29
N LYS B 333 -40.95 -10.47 -27.56
CA LYS B 333 -42.18 -10.50 -28.36
C LYS B 333 -41.90 -11.13 -29.72
N GLN B 334 -40.71 -10.86 -30.25
CA GLN B 334 -40.29 -11.41 -31.52
C GLN B 334 -40.11 -12.92 -31.39
N ARG B 335 -39.67 -13.35 -30.21
CA ARG B 335 -39.36 -14.75 -29.96
C ARG B 335 -40.62 -15.58 -29.79
N GLN B 336 -41.51 -15.11 -28.91
CA GLN B 336 -42.81 -15.76 -28.70
C GLN B 336 -43.61 -15.84 -29.99
N LYS B 337 -43.38 -14.88 -30.89
CA LYS B 337 -44.10 -14.81 -32.17
C LYS B 337 -43.72 -15.96 -33.09
N ARG B 338 -42.43 -16.08 -33.42
CA ARG B 338 -41.92 -17.22 -34.21
C ARG B 338 -42.39 -18.51 -33.55
N LEU B 339 -42.75 -18.39 -32.28
CA LEU B 339 -43.29 -19.50 -31.52
C LEU B 339 -44.76 -19.78 -31.85
N GLN B 340 -45.38 -18.89 -32.61
CA GLN B 340 -46.71 -19.12 -33.17
C GLN B 340 -46.59 -19.50 -34.65
N GLU B 341 -45.70 -18.81 -35.36
CA GLU B 341 -45.48 -19.00 -36.79
C GLU B 341 -44.73 -20.30 -37.10
N GLN B 342 -44.00 -20.81 -36.12
CA GLN B 342 -43.32 -22.10 -36.23
C GLN B 342 -43.99 -23.12 -35.30
N LYS B 343 -45.22 -22.78 -34.88
CA LYS B 343 -45.98 -23.65 -33.98
C LYS B 343 -47.08 -24.39 -34.73
N GLN B 344 -47.14 -25.71 -34.42
CA GLN B 344 -48.19 -26.60 -34.96
C GLN B 344 -48.63 -26.25 -36.38
N VAL C 177 23.97 -15.04 55.28
CA VAL C 177 24.73 -15.30 54.02
C VAL C 177 23.81 -15.99 52.99
N ILE C 178 24.39 -16.96 52.30
CA ILE C 178 23.70 -17.77 51.31
C ILE C 178 22.64 -18.59 52.02
N GLU C 179 23.10 -19.40 52.96
CA GLU C 179 22.23 -20.35 53.65
C GLU C 179 21.06 -19.67 54.38
N ASP C 180 21.28 -18.46 54.90
CA ASP C 180 20.19 -17.66 55.50
C ASP C 180 19.05 -17.42 54.51
N ALA C 181 19.42 -17.19 53.25
CA ALA C 181 18.43 -17.06 52.18
C ALA C 181 17.85 -18.43 51.79
N LEU C 182 18.74 -19.36 51.42
CA LEU C 182 18.31 -20.72 51.03
C LEU C 182 17.42 -21.36 52.09
N ASP C 183 17.77 -21.13 53.37
CA ASP C 183 16.96 -21.61 54.48
C ASP C 183 15.52 -21.19 54.25
N LYS C 184 15.32 -19.87 54.10
CA LYS C 184 13.99 -19.31 53.88
C LYS C 184 13.31 -19.87 52.64
N ILE C 185 14.08 -20.12 51.57
CA ILE C 185 13.54 -20.58 50.28
C ILE C 185 12.71 -21.87 50.40
N LYS C 186 13.25 -22.84 51.12
CA LYS C 186 12.58 -24.11 51.31
C LYS C 186 11.80 -24.10 52.63
N SER C 187 12.04 -23.05 53.42
CA SER C 187 11.25 -22.82 54.63
C SER C 187 9.89 -22.25 54.25
N ASN C 188 9.79 -21.77 53.01
CA ASN C 188 8.61 -21.10 52.47
C ASN C 188 8.27 -19.81 53.18
N ASP C 189 9.29 -19.18 53.73
CA ASP C 189 9.18 -17.91 54.45
C ASP C 189 8.20 -16.98 53.73
N PRO C 190 7.07 -16.67 54.39
CA PRO C 190 6.02 -15.83 53.82
C PRO C 190 6.47 -14.39 53.64
N ASP C 191 7.78 -14.17 53.72
CA ASP C 191 8.30 -12.81 53.76
C ASP C 191 9.53 -12.59 52.86
N THR C 192 10.15 -13.65 52.36
CA THR C 192 11.21 -13.49 51.37
C THR C 192 10.64 -13.50 49.95
N THR C 193 10.59 -12.30 49.37
CA THR C 193 10.08 -12.12 48.03
C THR C 193 11.24 -12.15 47.05
N GLU C 194 12.34 -11.49 47.42
CA GLU C 194 13.50 -11.44 46.54
C GLU C 194 14.64 -12.32 47.00
N VAL C 195 15.13 -13.12 46.07
CA VAL C 195 16.36 -13.87 46.25
C VAL C 195 17.43 -13.18 45.38
N ASN C 196 18.26 -12.39 46.04
CA ASN C 196 19.28 -11.60 45.35
C ASN C 196 20.66 -12.22 45.50
N LEU C 197 21.09 -12.94 44.47
CA LEU C 197 22.41 -13.54 44.48
C LEU C 197 23.23 -12.86 43.41
N ASN C 198 23.34 -11.54 43.55
CA ASN C 198 24.08 -10.75 42.59
C ASN C 198 25.49 -10.45 43.09
N ASN C 199 26.47 -10.76 42.24
CA ASN C 199 27.89 -10.56 42.53
C ASN C 199 28.35 -11.41 43.72
N ILE C 200 27.86 -12.63 43.82
CA ILE C 200 28.21 -13.48 44.94
C ILE C 200 29.32 -14.47 44.56
N GLU C 201 30.40 -14.37 45.34
CA GLU C 201 31.67 -15.03 45.06
C GLU C 201 31.63 -16.49 45.49
N ASN C 202 32.23 -17.32 44.62
CA ASN C 202 32.34 -18.75 44.86
C ASN C 202 30.98 -19.42 45.00
N ILE C 203 30.24 -19.45 43.89
CA ILE C 203 28.99 -20.18 43.86
C ILE C 203 29.12 -21.28 42.81
N THR C 204 28.54 -22.44 43.11
CA THR C 204 28.72 -23.65 42.31
C THR C 204 27.57 -23.85 41.35
N THR C 205 27.76 -24.76 40.40
CA THR C 205 26.65 -25.29 39.63
C THR C 205 25.65 -25.95 40.58
N GLN C 206 26.13 -26.91 41.38
CA GLN C 206 25.24 -27.63 42.29
C GLN C 206 24.61 -26.74 43.37
N THR C 207 25.40 -25.81 43.93
CA THR C 207 24.87 -24.85 44.92
C THR C 207 23.82 -23.92 44.31
N LEU C 208 23.79 -23.85 42.98
CA LEU C 208 22.72 -23.13 42.30
C LEU C 208 21.68 -24.12 41.81
N THR C 209 22.10 -25.37 41.60
CA THR C 209 21.17 -26.43 41.19
C THR C 209 20.27 -26.77 42.37
N ARG C 210 20.83 -26.61 43.58
CA ARG C 210 20.05 -26.76 44.82
C ARG C 210 18.97 -25.70 44.87
N PHE C 211 19.40 -24.44 44.78
CA PHE C 211 18.48 -23.31 44.70
C PHE C 211 17.37 -23.56 43.68
N ALA C 212 17.75 -24.00 42.48
CA ALA C 212 16.79 -24.31 41.42
C ALA C 212 15.72 -25.28 41.91
N GLU C 213 16.14 -26.38 42.52
CA GLU C 213 15.18 -27.35 43.06
C GLU C 213 14.59 -26.89 44.38
N ALA C 214 15.37 -26.12 45.15
CA ALA C 214 14.89 -25.51 46.38
C ALA C 214 13.68 -24.60 46.11
N LEU C 215 13.52 -24.19 44.85
CA LEU C 215 12.40 -23.36 44.43
C LEU C 215 11.41 -24.14 43.58
N LYS C 216 11.65 -25.45 43.45
CA LYS C 216 10.87 -26.32 42.55
C LYS C 216 9.42 -26.55 43.00
N ASP C 217 9.16 -26.32 44.28
CA ASP C 217 7.80 -26.38 44.81
C ASP C 217 7.52 -25.19 45.73
N ASN C 218 8.29 -24.11 45.53
CA ASN C 218 8.10 -22.89 46.30
C ASN C 218 6.93 -22.06 45.78
N THR C 219 6.45 -21.13 46.60
CA THR C 219 5.28 -20.35 46.24
C THR C 219 5.42 -18.88 46.61
N VAL C 220 6.48 -18.56 47.34
CA VAL C 220 6.67 -17.20 47.86
C VAL C 220 7.80 -16.40 47.21
N VAL C 221 8.35 -16.91 46.10
CA VAL C 221 9.40 -16.15 45.42
C VAL C 221 8.96 -15.69 44.01
N LYS C 222 8.96 -14.38 43.82
CA LYS C 222 8.54 -13.76 42.57
C LYS C 222 9.75 -13.33 41.74
N THR C 223 10.90 -13.26 42.40
CA THR C 223 12.12 -12.72 41.80
C THR C 223 13.33 -13.54 42.22
N PHE C 224 13.88 -14.27 41.27
CA PHE C 224 15.09 -15.03 41.49
C PHE C 224 16.17 -14.43 40.58
N SER C 225 17.21 -13.91 41.18
CA SER C 225 18.25 -13.20 40.45
C SER C 225 19.67 -13.63 40.84
N LEU C 226 20.41 -14.13 39.85
CA LEU C 226 21.82 -14.49 40.03
C LEU C 226 22.68 -13.78 38.97
N ALA C 227 23.11 -12.55 39.33
CA ALA C 227 23.90 -11.75 38.43
C ALA C 227 25.39 -11.87 38.73
N ASN C 228 26.19 -12.11 37.68
CA ASN C 228 27.64 -12.09 37.80
C ASN C 228 28.09 -13.17 38.79
N THR C 229 27.70 -14.40 38.50
CA THR C 229 28.05 -15.56 39.32
C THR C 229 28.32 -16.73 38.37
N HIS C 230 29.56 -16.82 37.86
CA HIS C 230 30.00 -17.81 36.86
C HIS C 230 28.97 -18.89 36.45
N ALA C 231 27.70 -18.50 36.29
CA ALA C 231 26.66 -19.48 36.01
C ALA C 231 26.92 -20.20 34.70
N ASP C 232 26.39 -21.41 34.57
CA ASP C 232 26.54 -22.17 33.34
C ASP C 232 25.26 -22.86 32.91
N ASP C 233 25.40 -23.68 31.88
CA ASP C 233 24.30 -24.31 31.19
C ASP C 233 23.60 -25.38 32.02
N SER C 234 24.31 -25.88 33.03
CA SER C 234 23.71 -26.79 33.99
C SER C 234 22.83 -25.97 34.93
N ALA C 235 23.38 -24.87 35.44
CA ALA C 235 22.56 -23.93 36.23
C ALA C 235 21.33 -23.56 35.42
N ALA C 236 21.51 -23.39 34.12
CA ALA C 236 20.39 -23.09 33.23
C ALA C 236 19.38 -24.23 33.17
N MET C 237 19.85 -25.44 32.86
CA MET C 237 18.99 -26.64 32.83
C MET C 237 18.28 -26.75 34.16
N ALA C 238 19.04 -26.51 35.23
CA ALA C 238 18.50 -26.47 36.56
C ALA C 238 17.31 -25.52 36.55
N ILE C 239 17.60 -24.24 36.28
CA ILE C 239 16.58 -23.18 36.28
C ILE C 239 15.47 -23.45 35.24
N ALA C 240 15.85 -24.07 34.13
CA ALA C 240 14.94 -24.30 33.01
C ALA C 240 13.76 -25.20 33.37
N GLU C 241 14.06 -26.37 33.91
CA GLU C 241 13.02 -27.31 34.31
C GLU C 241 12.28 -26.75 35.53
N MET C 242 13.04 -26.13 36.43
CA MET C 242 12.49 -25.42 37.58
C MET C 242 11.41 -24.48 37.11
N LEU C 243 11.60 -23.93 35.92
CA LEU C 243 10.65 -23.02 35.32
C LEU C 243 9.32 -23.71 35.00
N LYS C 244 9.38 -24.85 34.30
CA LYS C 244 8.17 -25.60 33.92
C LYS C 244 7.55 -26.34 35.10
N VAL C 245 8.14 -26.13 36.28
CA VAL C 245 7.70 -26.75 37.53
C VAL C 245 7.65 -25.69 38.65
N ASN C 246 7.21 -24.48 38.29
CA ASN C 246 7.05 -23.37 39.23
C ASN C 246 6.08 -22.36 38.65
N GLU C 247 5.16 -21.88 39.49
CA GLU C 247 4.12 -20.97 39.02
C GLU C 247 4.02 -19.63 39.75
N HIS C 248 5.09 -19.23 40.45
CA HIS C 248 5.04 -17.99 41.22
C HIS C 248 6.16 -17.00 40.90
N ILE C 249 7.24 -17.49 40.31
CA ILE C 249 8.30 -16.61 39.82
C ILE C 249 7.83 -15.89 38.57
N THR C 250 7.94 -14.56 38.58
CA THR C 250 7.59 -13.75 37.39
C THR C 250 8.82 -13.24 36.64
N ASN C 251 9.98 -13.30 37.31
CA ASN C 251 11.21 -12.65 36.83
C ASN C 251 12.43 -13.54 37.08
N VAL C 252 13.23 -13.79 36.04
CA VAL C 252 14.51 -14.52 36.19
C VAL C 252 15.66 -13.69 35.61
N ASN C 253 16.67 -13.45 36.46
CA ASN C 253 17.83 -12.66 36.07
C ASN C 253 19.13 -13.46 36.13
N VAL C 254 19.51 -14.01 34.98
CA VAL C 254 20.70 -14.85 34.87
C VAL C 254 21.85 -14.07 34.19
N GLU C 255 22.01 -12.82 34.59
CA GLU C 255 22.90 -11.89 33.88
C GLU C 255 24.38 -12.02 34.15
N SER C 256 25.16 -11.48 33.21
CA SER C 256 26.61 -11.36 33.30
C SER C 256 27.31 -12.69 33.56
N ASN C 257 26.67 -13.77 33.14
CA ASN C 257 27.21 -15.09 33.40
C ASN C 257 28.00 -15.65 32.23
N PHE C 258 28.30 -16.95 32.30
CA PHE C 258 29.09 -17.62 31.27
C PHE C 258 28.25 -18.67 30.55
N ILE C 259 27.01 -18.31 30.22
CA ILE C 259 26.04 -19.25 29.67
C ILE C 259 25.97 -19.19 28.13
N THR C 260 26.02 -20.37 27.50
CA THR C 260 25.88 -20.49 26.06
C THR C 260 24.43 -20.69 25.64
N GLY C 261 24.21 -20.55 24.35
CA GLY C 261 22.89 -20.75 23.78
C GLY C 261 22.41 -22.18 23.99
N LYS C 262 23.32 -23.04 24.40
CA LYS C 262 22.97 -24.42 24.70
C LYS C 262 22.16 -24.42 26.00
N GLY C 263 22.61 -23.59 26.94
CA GLY C 263 21.89 -23.36 28.19
C GLY C 263 20.71 -22.41 28.03
N ILE C 264 20.93 -21.31 27.30
CA ILE C 264 19.87 -20.31 27.06
C ILE C 264 18.64 -20.97 26.45
N LEU C 265 18.87 -21.85 25.49
CA LEU C 265 17.80 -22.59 24.83
C LEU C 265 17.07 -23.55 25.77
N ALA C 266 17.79 -24.09 26.76
CA ALA C 266 17.17 -24.95 27.77
C ALA C 266 15.99 -24.23 28.40
N ILE C 267 16.29 -23.04 28.91
CA ILE C 267 15.30 -22.18 29.55
C ILE C 267 14.20 -21.75 28.58
N MET C 268 14.54 -21.72 27.29
CA MET C 268 13.63 -21.23 26.25
C MET C 268 12.46 -22.17 25.96
N ARG C 269 12.78 -23.46 25.76
CA ARG C 269 11.77 -24.47 25.47
C ARG C 269 10.86 -24.67 26.68
N ALA C 270 11.46 -24.70 27.87
CA ALA C 270 10.67 -24.79 29.11
C ALA C 270 9.49 -23.82 29.05
N LEU C 271 9.79 -22.58 28.68
CA LEU C 271 8.79 -21.53 28.53
C LEU C 271 7.79 -21.77 27.40
N GLN C 272 7.95 -22.88 26.65
CA GLN C 272 7.01 -23.22 25.57
C GLN C 272 5.58 -23.34 26.07
N HIS C 273 5.45 -23.68 27.35
CA HIS C 273 4.16 -23.80 28.03
C HIS C 273 4.35 -23.48 29.52
N ASN C 274 4.85 -22.28 29.78
CA ASN C 274 5.01 -21.77 31.14
C ASN C 274 4.34 -20.40 31.20
N THR C 275 3.16 -20.33 31.81
CA THR C 275 2.35 -19.11 31.76
C THR C 275 2.44 -18.22 33.00
N VAL C 276 3.60 -18.19 33.64
CA VAL C 276 3.83 -17.31 34.79
C VAL C 276 5.00 -16.35 34.61
N LEU C 277 6.14 -16.86 34.16
CA LEU C 277 7.33 -16.04 33.95
C LEU C 277 7.01 -14.90 33.02
N THR C 278 7.43 -13.70 33.41
CA THR C 278 7.04 -12.51 32.68
C THR C 278 8.23 -11.66 32.24
N GLU C 279 9.38 -11.87 32.88
CA GLU C 279 10.62 -11.19 32.54
C GLU C 279 11.81 -12.12 32.69
N LEU C 280 12.68 -12.16 31.68
CA LEU C 280 13.92 -12.94 31.74
C LEU C 280 15.07 -12.19 31.10
N ARG C 281 16.21 -12.16 31.78
CA ARG C 281 17.37 -11.42 31.29
C ARG C 281 18.63 -12.27 31.29
N PHE C 282 19.32 -12.26 30.16
CA PHE C 282 20.58 -12.99 30.02
C PHE C 282 21.65 -12.14 29.33
N HIS C 283 21.51 -10.82 29.47
CA HIS C 283 22.49 -9.87 28.94
C HIS C 283 23.91 -10.30 29.29
N ASN C 284 24.87 -9.80 28.51
CA ASN C 284 26.28 -9.81 28.92
C ASN C 284 26.87 -11.19 29.22
N GLN C 285 26.67 -12.15 28.31
CA GLN C 285 27.20 -13.49 28.52
C GLN C 285 28.71 -13.58 28.32
N ARG C 286 29.22 -14.80 28.21
CA ARG C 286 30.63 -14.97 27.85
C ARG C 286 30.78 -14.61 26.39
N HIS C 287 30.37 -15.51 25.51
CA HIS C 287 30.56 -15.32 24.08
C HIS C 287 29.29 -14.85 23.38
N ILE C 288 29.46 -14.48 22.12
CA ILE C 288 28.34 -14.23 21.22
C ILE C 288 27.38 -15.43 21.31
N MET C 289 26.09 -15.13 21.33
CA MET C 289 25.06 -16.15 21.36
C MET C 289 25.00 -17.02 20.10
N GLY C 290 25.48 -16.49 18.98
CA GLY C 290 25.39 -17.19 17.71
C GLY C 290 24.22 -16.63 16.93
N SER C 291 23.77 -17.37 15.92
CA SER C 291 22.63 -16.89 15.14
C SER C 291 21.53 -17.96 14.99
N GLN C 292 21.91 -19.20 14.71
CA GLN C 292 20.93 -20.30 14.72
C GLN C 292 20.35 -20.33 16.13
N VAL C 293 21.20 -20.07 17.11
CA VAL C 293 20.73 -19.92 18.47
C VAL C 293 19.80 -18.73 18.57
N GLU C 294 20.09 -17.67 17.83
CA GLU C 294 19.27 -16.46 17.86
C GLU C 294 17.93 -16.59 17.14
N MET C 295 17.90 -17.21 15.97
CA MET C 295 16.61 -17.42 15.27
C MET C 295 15.78 -18.51 15.96
N GLU C 296 16.47 -19.35 16.74
CA GLU C 296 15.82 -20.34 17.57
C GLU C 296 14.93 -19.61 18.56
N ILE C 297 15.56 -18.81 19.43
CA ILE C 297 14.88 -18.06 20.47
C ILE C 297 13.57 -17.43 20.00
N VAL C 298 13.49 -16.98 18.75
CA VAL C 298 12.26 -16.34 18.26
C VAL C 298 11.16 -17.34 17.86
N LYS C 299 11.51 -18.31 17.01
CA LYS C 299 10.54 -19.33 16.60
C LYS C 299 10.13 -20.14 17.82
N LEU C 300 11.05 -20.28 18.77
CA LEU C 300 10.80 -21.01 20.00
C LEU C 300 9.75 -20.26 20.83
N LEU C 301 10.09 -19.07 21.32
CA LEU C 301 9.13 -18.28 22.09
C LEU C 301 7.90 -17.84 21.32
N LYS C 302 7.77 -18.25 20.06
CA LYS C 302 6.65 -17.82 19.21
C LYS C 302 5.30 -18.28 19.77
N GLU C 303 5.28 -19.45 20.39
CA GLU C 303 4.03 -19.92 21.01
C GLU C 303 4.05 -19.68 22.51
N ASN C 304 4.67 -18.58 22.94
CA ASN C 304 4.56 -18.10 24.30
C ASN C 304 3.77 -16.81 24.33
N THR C 305 2.86 -16.70 25.29
CA THR C 305 1.89 -15.61 25.35
C THR C 305 2.02 -14.78 26.63
N THR C 306 3.00 -15.15 27.45
CA THR C 306 3.06 -14.65 28.81
C THR C 306 4.25 -13.76 29.04
N LEU C 307 5.35 -14.02 28.33
CA LEU C 307 6.57 -13.26 28.54
C LEU C 307 6.38 -11.82 28.06
N LEU C 308 6.69 -10.88 28.95
CA LEU C 308 6.50 -9.46 28.64
C LEU C 308 7.81 -8.75 28.27
N ARG C 309 8.88 -9.04 28.99
CA ARG C 309 10.17 -8.40 28.74
C ARG C 309 11.32 -9.42 28.62
N LEU C 310 12.04 -9.40 27.50
CA LEU C 310 13.16 -10.31 27.28
C LEU C 310 14.50 -9.59 27.22
N GLY C 311 15.20 -9.54 28.35
CA GLY C 311 16.48 -8.84 28.46
C GLY C 311 17.63 -9.43 27.65
N TYR C 312 17.69 -9.09 26.37
CA TYR C 312 18.80 -9.48 25.50
C TYR C 312 18.81 -8.64 24.21
N HIS C 313 20.00 -8.19 23.83
CA HIS C 313 20.20 -7.49 22.57
C HIS C 313 20.49 -8.47 21.43
N PHE C 314 19.50 -8.69 20.58
CA PHE C 314 19.70 -9.45 19.36
C PHE C 314 20.64 -8.70 18.44
N GLU C 315 21.57 -9.42 17.84
CA GLU C 315 22.52 -8.82 16.91
C GLU C 315 22.11 -9.16 15.48
N LEU C 316 20.82 -9.39 15.30
CA LEU C 316 20.28 -9.74 14.00
C LEU C 316 18.92 -9.12 13.78
N PRO C 317 18.80 -8.31 12.72
CA PRO C 317 17.60 -7.53 12.43
C PRO C 317 16.36 -8.41 12.33
N GLY C 318 16.50 -9.54 11.63
CA GLY C 318 15.41 -10.48 11.44
C GLY C 318 14.79 -10.93 12.74
N PRO C 319 15.50 -11.77 13.51
CA PRO C 319 15.07 -12.17 14.84
C PRO C 319 14.57 -10.98 15.70
N ARG C 320 15.43 -10.00 15.94
CA ARG C 320 15.11 -8.84 16.80
C ARG C 320 13.76 -8.24 16.47
N MET C 321 13.41 -8.19 15.19
CA MET C 321 12.11 -7.66 14.78
C MET C 321 11.00 -8.66 15.11
N SER C 322 11.13 -9.88 14.60
CA SER C 322 10.22 -10.97 14.95
C SER C 322 9.93 -10.99 16.44
N MET C 323 10.98 -10.78 17.24
CA MET C 323 10.88 -10.83 18.69
C MET C 323 10.06 -9.69 19.28
N THR C 324 10.37 -8.45 18.90
CA THR C 324 9.72 -7.30 19.54
C THR C 324 8.21 -7.29 19.30
N SER C 325 7.80 -7.69 18.10
CA SER C 325 6.37 -7.81 17.79
C SER C 325 5.65 -8.83 18.71
N ILE C 326 6.38 -9.86 19.16
CA ILE C 326 5.82 -10.89 20.03
C ILE C 326 5.52 -10.36 21.43
N LEU C 327 6.50 -9.67 22.01
CA LEU C 327 6.34 -9.05 23.32
C LEU C 327 5.30 -7.93 23.28
N THR C 328 4.97 -7.49 22.06
CA THR C 328 3.92 -6.52 21.86
C THR C 328 2.55 -7.22 21.91
N ARG C 329 2.45 -8.36 21.21
CA ARG C 329 1.20 -9.12 21.13
C ARG C 329 0.93 -9.97 22.38
N ASN C 330 1.96 -10.20 23.19
CA ASN C 330 1.74 -10.77 24.52
C ASN C 330 1.12 -9.72 25.40
N MET C 331 1.67 -8.51 25.34
CA MET C 331 1.21 -7.46 26.24
C MET C 331 -0.14 -6.88 25.84
N ASP C 332 -0.49 -6.99 24.55
CA ASP C 332 -1.81 -6.52 24.11
C ASP C 332 -2.90 -7.40 24.70
N LYS C 333 -2.55 -8.67 24.99
CA LYS C 333 -3.46 -9.57 25.66
C LYS C 333 -3.81 -9.05 27.03
N GLN C 334 -2.88 -8.31 27.63
CA GLN C 334 -3.17 -7.63 28.87
C GLN C 334 -4.14 -6.49 28.62
N ARG C 335 -3.93 -5.76 27.52
CA ARG C 335 -4.75 -4.60 27.19
C ARG C 335 -6.15 -5.02 26.76
N GLN C 336 -6.22 -6.13 26.03
CA GLN C 336 -7.50 -6.73 25.62
C GLN C 336 -8.27 -7.21 26.84
N LYS C 337 -7.55 -7.83 27.77
CA LYS C 337 -8.12 -8.39 29.00
C LYS C 337 -8.77 -7.28 29.80
N ARG C 338 -7.98 -6.30 30.21
CA ARG C 338 -8.48 -5.12 30.92
C ARG C 338 -9.67 -4.49 30.18
N LEU C 339 -9.69 -4.66 28.86
CA LEU C 339 -10.81 -4.17 28.07
C LEU C 339 -12.08 -4.95 28.38
N GLN C 340 -11.96 -6.26 28.56
CA GLN C 340 -13.15 -7.08 28.85
C GLN C 340 -13.67 -6.88 30.28
N GLU C 341 -12.79 -6.92 31.28
CA GLU C 341 -13.19 -6.91 32.69
C GLU C 341 -13.18 -5.53 33.34
N GLN C 342 -12.08 -4.79 33.17
CA GLN C 342 -11.83 -3.52 33.86
C GLN C 342 -12.94 -2.47 33.68
N LYS C 343 -13.47 -2.36 32.47
CA LYS C 343 -14.49 -1.33 32.21
C LYS C 343 -15.86 -1.89 31.80
N GLN C 344 -15.86 -2.93 30.96
CA GLN C 344 -17.13 -3.46 30.42
C GLN C 344 -18.03 -4.05 31.50
N GLN C 345 -18.93 -3.19 31.99
CA GLN C 345 -19.93 -3.55 33.01
C GLN C 345 -19.34 -3.84 34.40
N GLU C 346 -18.24 -3.15 34.74
CA GLU C 346 -17.64 -3.28 36.08
C GLU C 346 -18.08 -2.12 36.98
N GLY C 347 -19.15 -1.45 36.57
CA GLY C 347 -19.66 -0.29 37.29
C GLY C 347 -18.98 0.96 36.80
N TYR C 348 -17.68 1.07 37.06
CA TYR C 348 -16.88 2.19 36.58
C TYR C 348 -15.43 1.79 36.32
N ASP C 349 -14.62 2.78 35.93
CA ASP C 349 -13.22 2.56 35.57
C ASP C 349 -12.34 3.70 36.07
N PRO C 400 34.71 4.59 41.15
CA PRO C 400 33.80 5.73 41.42
C PRO C 400 34.53 7.11 41.40
N PRO C 401 34.48 7.79 40.23
CA PRO C 401 35.03 9.09 39.79
C PRO C 401 33.94 10.18 39.54
N PRO C 402 34.14 11.07 38.51
CA PRO C 402 33.18 12.16 38.20
C PRO C 402 32.16 11.88 37.07
N PRO C 403 31.00 12.57 37.07
CA PRO C 403 29.97 12.42 36.04
C PRO C 403 29.79 13.65 35.10
N PRO C 404 30.86 14.07 34.38
CA PRO C 404 31.12 15.48 33.95
C PRO C 404 29.90 16.33 33.47
N PRO C 405 29.13 16.92 34.42
CA PRO C 405 27.79 17.48 34.14
C PRO C 405 27.60 19.03 34.03
N PRO C 406 27.91 19.64 32.84
CA PRO C 406 27.55 21.05 32.54
C PRO C 406 26.36 21.24 31.56
N PRO C 407 25.13 21.51 32.07
CA PRO C 407 23.98 21.75 31.19
C PRO C 407 23.70 23.24 30.95
N LEU C 408 22.45 23.68 31.14
CA LEU C 408 22.02 25.08 30.96
C LEU C 408 20.80 25.40 31.84
N PRO C 409 20.90 26.42 32.74
CA PRO C 409 19.70 26.87 33.48
C PRO C 409 18.67 27.52 32.53
N GLU C 410 17.43 27.73 33.00
CA GLU C 410 16.30 28.08 32.11
C GLU C 410 15.74 29.50 32.26
N LYS C 411 14.84 29.87 31.34
CA LYS C 411 14.05 31.11 31.41
C LYS C 411 12.74 31.05 30.61
N LYS C 412 12.46 29.87 30.03
CA LYS C 412 11.25 29.60 29.24
C LYS C 412 11.36 30.00 27.77
N LEU C 413 10.22 30.25 27.12
CA LEU C 413 10.21 30.31 25.65
C LEU C 413 9.78 31.64 25.01
N ILE C 414 10.74 32.24 24.32
CA ILE C 414 10.57 33.53 23.65
C ILE C 414 10.49 33.34 22.13
N THR C 415 11.23 32.35 21.62
CA THR C 415 11.14 31.95 20.22
C THR C 415 9.77 31.33 19.94
N ARG C 416 9.17 31.65 18.79
CA ARG C 416 7.84 31.14 18.41
C ARG C 416 7.45 31.43 16.95
N ASN C 417 6.27 30.93 16.57
CA ASN C 417 5.64 31.02 15.24
C ASN C 417 5.50 29.65 14.56
N ILE C 418 5.18 28.66 15.40
CA ILE C 418 4.79 27.34 14.90
C ILE C 418 3.34 27.14 15.36
N ALA C 419 2.77 28.19 15.96
CA ALA C 419 1.38 28.21 16.38
C ALA C 419 0.43 28.12 15.19
N GLU C 420 0.79 28.77 14.08
CA GLU C 420 -0.08 28.82 12.91
C GLU C 420 -0.27 27.48 12.19
N VAL C 421 0.78 26.66 12.14
CA VAL C 421 0.61 25.34 11.53
C VAL C 421 -0.28 24.47 12.38
N ILE C 422 -0.34 24.77 13.67
CA ILE C 422 -1.19 24.02 14.57
C ILE C 422 -2.64 24.47 14.39
N LYS C 423 -2.85 25.76 14.12
CA LYS C 423 -4.15 26.25 13.68
C LYS C 423 -4.51 25.57 12.35
N GLN C 424 -3.50 25.43 11.48
CA GLN C 424 -3.61 24.72 10.21
C GLN C 424 -3.74 23.22 10.38
N GLN C 425 -3.08 22.67 11.42
CA GLN C 425 -3.07 21.23 11.68
C GLN C 425 -4.38 20.81 12.34
N GLU C 426 -5.03 21.77 13.01
CA GLU C 426 -6.40 21.59 13.44
C GLU C 426 -7.34 21.76 12.23
N SER C 427 -7.05 22.77 11.40
CA SER C 427 -7.83 23.07 10.19
C SER C 427 -7.97 21.90 9.21
N ALA C 428 -6.94 21.07 9.12
CA ALA C 428 -6.92 19.98 8.15
C ALA C 428 -6.85 18.59 8.80
N GLN C 429 -6.23 17.66 8.05
CA GLN C 429 -6.00 16.23 8.41
C GLN C 429 -7.22 15.33 8.18
N ARG C 430 -6.99 14.01 8.28
CA ARG C 430 -7.99 12.99 7.96
C ARG C 430 -8.42 13.13 6.50
N ALA C 431 -7.45 13.37 5.63
CA ALA C 431 -7.68 13.50 4.20
C ALA C 431 -8.24 12.21 3.60
N LEU C 432 -9.23 12.38 2.71
CA LEU C 432 -9.98 11.27 2.12
C LEU C 432 -10.98 10.68 3.12
N GLN C 433 -10.87 9.37 3.41
CA GLN C 433 -11.86 8.69 4.25
C GLN C 433 -11.26 7.61 5.15
N ASN C 434 -11.71 7.59 6.41
CA ASN C 434 -11.30 6.58 7.41
C ASN C 434 -12.14 6.70 8.68
N GLY C 435 -12.73 5.56 9.09
CA GLY C 435 -13.56 5.49 10.32
C GLY C 435 -13.77 4.04 10.77
N GLN C 436 -15.00 3.73 11.25
CA GLN C 436 -15.45 2.36 11.57
C GLN C 436 -14.73 1.68 12.76
N GLY C 437 -15.25 0.50 13.14
CA GLY C 437 -14.72 -0.30 14.27
C GLY C 437 -13.94 -1.54 13.82
N SER C 438 -14.53 -2.29 12.89
CA SER C 438 -13.89 -3.48 12.32
C SER C 438 -14.39 -3.71 10.89
N GLY C 439 -13.48 -4.13 10.01
CA GLY C 439 -13.80 -4.36 8.61
C GLY C 439 -13.80 -5.86 8.28
N SER C 440 -14.76 -6.58 8.87
CA SER C 440 -14.93 -8.01 8.61
C SER C 440 -15.35 -8.26 7.16
N GLY C 441 -16.24 -7.39 6.64
CA GLY C 441 -16.71 -7.48 5.25
C GLY C 441 -15.63 -6.99 4.27
N GLY C 442 -16.05 -6.92 2.98
CA GLY C 442 -15.12 -6.57 1.89
C GLY C 442 -14.72 -5.11 1.84
N SER C 443 -13.53 -4.90 1.26
CA SER C 443 -13.04 -3.58 0.90
C SER C 443 -13.97 -2.49 1.38
N VAL C 444 -13.82 -2.11 2.65
CA VAL C 444 -14.57 -0.99 3.18
C VAL C 444 -14.17 0.25 2.37
N GLY C 445 -14.35 0.17 1.06
CA GLY C 445 -13.89 1.18 0.09
C GLY C 445 -14.30 2.57 0.52
N SER C 446 -13.46 3.55 0.20
CA SER C 446 -13.70 4.92 0.67
C SER C 446 -15.07 5.51 0.28
N GLN C 447 -15.78 4.78 -0.58
CA GLN C 447 -17.07 5.22 -1.10
C GLN C 447 -16.99 6.42 -2.05
N PRO C 448 -15.76 6.82 -2.50
CA PRO C 448 -15.87 7.71 -3.64
C PRO C 448 -15.95 6.82 -4.87
N ASN C 449 -15.01 5.87 -5.01
CA ASN C 449 -15.07 4.86 -6.08
C ASN C 449 -16.48 4.28 -6.20
N SER C 450 -16.86 3.44 -5.24
CA SER C 450 -18.17 2.75 -5.25
C SER C 450 -19.30 3.67 -5.69
N ILE C 451 -19.35 4.85 -5.08
CA ILE C 451 -20.40 5.83 -5.39
C ILE C 451 -20.18 6.52 -6.74
N LEU C 452 -18.98 7.04 -6.99
CA LEU C 452 -18.68 7.76 -8.24
C LEU C 452 -18.74 6.85 -9.49
N LYS C 453 -18.32 5.59 -9.34
CA LYS C 453 -18.52 4.55 -10.38
C LYS C 453 -19.97 4.07 -10.41
N GLU C 454 -20.91 5.02 -10.40
CA GLU C 454 -22.35 4.75 -10.36
C GLU C 454 -22.74 3.47 -11.10
N ILE C 455 -22.24 3.33 -12.32
CA ILE C 455 -22.47 2.20 -13.25
C ILE C 455 -22.88 0.83 -12.65
N LYS C 456 -22.24 0.41 -11.56
CA LYS C 456 -22.50 -0.90 -10.98
C LYS C 456 -23.89 -1.00 -10.34
N ASN C 457 -24.41 0.15 -9.90
CA ASN C 457 -25.73 0.19 -9.28
C ASN C 457 -26.78 -0.32 -10.26
N SER C 458 -27.02 -1.63 -10.21
CA SER C 458 -28.05 -2.24 -11.04
C SER C 458 -29.42 -1.66 -10.64
N LEU C 459 -30.43 -1.88 -11.48
CA LEU C 459 -31.76 -1.31 -11.26
C LEU C 459 -32.28 -1.57 -9.85
N ARG C 460 -32.78 -0.51 -9.23
CA ARG C 460 -33.32 -0.57 -7.87
C ARG C 460 -34.82 -0.24 -7.86
N SER C 461 -35.28 0.31 -6.72
CA SER C 461 -36.64 0.86 -6.53
C SER C 461 -37.78 0.60 -7.55
N VAL C 462 -37.55 0.79 -8.86
CA VAL C 462 -38.63 0.60 -9.87
C VAL C 462 -38.22 -0.26 -11.11
N GLN C 463 -39.20 -0.53 -12.00
CA GLN C 463 -39.06 -1.39 -13.22
C GLN C 463 -38.88 -2.90 -12.91
N GLU C 464 -38.22 -3.67 -13.79
CA GLU C 464 -38.23 -5.15 -13.71
C GLU C 464 -37.81 -5.77 -12.36
N LYS C 465 -38.52 -6.84 -11.96
CA LYS C 465 -38.16 -7.68 -10.81
C LYS C 465 -37.29 -8.86 -11.32
N LYS C 466 -36.00 -8.85 -11.03
CA LYS C 466 -35.15 -9.88 -11.68
C LYS C 466 -34.58 -10.96 -10.75
N MET C 467 -35.46 -11.88 -10.37
CA MET C 467 -35.13 -13.06 -9.55
C MET C 467 -35.26 -14.34 -10.38
N GLU C 468 -34.18 -15.11 -10.37
CA GLU C 468 -34.03 -16.24 -11.30
C GLU C 468 -34.32 -17.62 -10.71
N ASP C 469 -35.34 -17.71 -9.84
CA ASP C 469 -35.78 -19.03 -9.41
C ASP C 469 -36.15 -19.86 -10.64
N SER C 470 -35.69 -21.11 -10.68
CA SER C 470 -35.76 -21.87 -11.92
C SER C 470 -35.66 -23.38 -11.70
N SER C 471 -36.49 -24.11 -12.46
CA SER C 471 -36.54 -25.60 -12.47
C SER C 471 -36.62 -26.26 -11.08
N ARG C 472 -36.19 -27.51 -11.04
CA ARG C 472 -36.11 -28.28 -9.81
C ARG C 472 -34.87 -29.19 -9.85
N PRO C 473 -33.65 -28.59 -9.69
CA PRO C 473 -32.37 -29.30 -9.49
C PRO C 473 -31.81 -29.12 -8.07
N SER C 474 -30.78 -29.89 -7.72
CA SER C 474 -30.13 -29.74 -6.41
C SER C 474 -28.70 -30.33 -6.33
N THR C 475 -28.05 -30.08 -5.19
CA THR C 475 -26.60 -30.28 -5.00
C THR C 475 -26.06 -31.64 -4.47
N PRO C 476 -26.90 -32.70 -4.38
CA PRO C 476 -26.28 -34.03 -4.16
C PRO C 476 -25.42 -34.51 -5.35
N GLN C 477 -24.97 -35.76 -5.30
CA GLN C 477 -24.13 -36.36 -6.34
C GLN C 477 -24.66 -36.11 -7.76
N ARG C 478 -23.76 -35.70 -8.65
CA ARG C 478 -24.11 -35.44 -10.06
C ARG C 478 -23.01 -36.05 -10.94
N SER C 479 -23.40 -36.84 -11.92
CA SER C 479 -22.42 -37.56 -12.75
C SER C 479 -21.88 -36.70 -13.89
N ALA C 480 -22.76 -35.91 -14.51
CA ALA C 480 -22.39 -35.06 -15.64
C ALA C 480 -21.40 -33.97 -15.21
N HIS C 481 -21.75 -33.27 -14.11
CA HIS C 481 -20.93 -32.20 -13.60
C HIS C 481 -19.63 -32.71 -12.97
N GLU C 482 -19.67 -33.84 -12.27
CA GLU C 482 -18.45 -34.36 -11.61
C GLU C 482 -17.48 -35.10 -12.53
N ASN C 483 -17.98 -35.71 -13.60
CA ASN C 483 -17.09 -36.17 -14.65
C ASN C 483 -16.45 -34.97 -15.35
N LEU C 484 -17.24 -33.91 -15.51
CA LEU C 484 -16.76 -32.65 -16.06
C LEU C 484 -15.67 -32.05 -15.19
N MET C 485 -15.87 -32.14 -13.87
CA MET C 485 -14.82 -31.71 -12.95
C MET C 485 -13.60 -32.60 -13.06
N GLU C 486 -13.82 -33.92 -13.08
CA GLU C 486 -12.74 -34.87 -13.23
C GLU C 486 -11.95 -34.60 -14.51
N ALA C 487 -12.66 -34.23 -15.58
CA ALA C 487 -12.01 -33.93 -16.87
C ALA C 487 -11.32 -32.57 -16.88
N ILE C 488 -11.88 -31.59 -16.16
CA ILE C 488 -11.26 -30.27 -16.04
C ILE C 488 -9.95 -30.35 -15.25
N ARG C 489 -9.94 -31.17 -14.19
CA ARG C 489 -8.74 -31.41 -13.40
C ARG C 489 -7.65 -32.17 -14.16
N GLY C 490 -8.05 -33.08 -15.04
CA GLY C 490 -7.10 -33.92 -15.76
C GLY C 490 -6.55 -33.30 -17.02
N SER C 491 -6.64 -31.98 -17.12
CA SER C 491 -6.28 -31.27 -18.35
C SER C 491 -5.04 -30.38 -18.19
N SER C 492 -4.59 -29.83 -19.30
CA SER C 492 -3.45 -28.92 -19.35
C SER C 492 -3.31 -28.34 -20.76
N ILE C 493 -2.80 -27.12 -20.84
CA ILE C 493 -2.51 -26.46 -22.11
C ILE C 493 -1.57 -27.30 -22.99
N LYS C 494 -1.19 -28.49 -22.50
CA LYS C 494 -0.35 -29.42 -23.27
C LYS C 494 -1.20 -30.28 -24.21
N GLN C 495 -2.51 -30.11 -24.13
CA GLN C 495 -3.45 -30.86 -24.96
C GLN C 495 -4.05 -29.97 -26.06
N LEU C 496 -3.66 -28.69 -26.05
CA LEU C 496 -4.27 -27.75 -26.99
C LEU C 496 -3.37 -27.49 -28.17
N LYS C 497 -3.97 -27.23 -29.34
CA LYS C 497 -3.19 -27.03 -30.56
C LYS C 497 -2.53 -25.66 -30.61
N ARG C 498 -1.20 -25.69 -30.67
CA ARG C 498 -0.35 -24.51 -30.65
C ARG C 498 -0.82 -23.42 -31.60
N VAL C 499 -0.88 -22.20 -31.10
CA VAL C 499 -1.13 -21.01 -31.93
C VAL C 499 -0.13 -19.93 -31.53
N GLU C 500 -0.58 -18.71 -31.25
CA GLU C 500 0.31 -17.54 -31.05
C GLU C 500 -0.45 -16.22 -31.07
N VAL C 501 0.03 -15.21 -30.34
CA VAL C 501 -0.59 -13.87 -30.36
C VAL C 501 0.35 -12.67 -30.05
N PRO C 502 1.52 -12.58 -30.75
CA PRO C 502 2.51 -11.58 -30.32
C PRO C 502 2.16 -10.16 -30.75
N GLU C 503 1.36 -10.05 -31.80
CA GLU C 503 1.16 -8.78 -32.50
C GLU C 503 0.48 -7.71 -31.65
N ALA C 504 0.80 -6.47 -31.94
CA ALA C 504 0.01 -5.33 -31.51
C ALA C 504 -0.35 -4.62 -32.79
N LEU C 505 -1.64 -4.43 -33.01
CA LEU C 505 -2.06 -3.85 -34.28
C LEU C 505 -2.28 -2.34 -34.17
N ARG C 506 -1.71 -1.63 -35.14
CA ARG C 506 -1.85 -0.18 -35.26
C ARG C 506 -3.33 0.21 -35.39
N ALA D 8 -16.07 -24.92 -31.93
CA ALA D 8 -16.59 -24.09 -30.81
C ALA D 8 -15.81 -22.78 -30.66
N LEU D 9 -16.51 -21.74 -30.19
CA LEU D 9 -15.90 -20.43 -30.02
C LEU D 9 -15.74 -20.05 -28.57
N VAL D 10 -14.68 -19.29 -28.27
CA VAL D 10 -14.48 -18.72 -26.93
C VAL D 10 -14.35 -17.21 -27.07
N VAL D 11 -15.13 -16.48 -26.27
CA VAL D 11 -15.06 -15.04 -26.31
C VAL D 11 -14.95 -14.55 -24.87
N ASP D 12 -13.84 -13.88 -24.57
CA ASP D 12 -13.67 -13.26 -23.27
C ASP D 12 -13.61 -11.75 -23.43
N ASN D 13 -14.61 -11.08 -22.93
CA ASN D 13 -14.66 -9.65 -23.06
C ASN D 13 -14.10 -9.02 -21.81
N GLY D 14 -13.48 -7.85 -21.99
CA GLY D 14 -12.84 -7.17 -20.88
C GLY D 14 -13.25 -5.73 -20.83
N SER D 15 -13.06 -5.12 -19.67
CA SER D 15 -13.36 -3.72 -19.44
C SER D 15 -12.52 -2.84 -20.35
N GLY D 16 -11.52 -3.41 -21.00
CA GLY D 16 -10.63 -2.66 -21.87
C GLY D 16 -10.14 -3.40 -23.09
N MET D 17 -9.64 -4.61 -22.91
CA MET D 17 -9.07 -5.41 -24.00
C MET D 17 -9.89 -6.69 -24.24
N CYS D 18 -10.11 -7.03 -25.50
CA CYS D 18 -10.96 -8.16 -25.86
C CYS D 18 -10.21 -9.26 -26.61
N LYS D 19 -10.37 -10.49 -26.15
CA LYS D 19 -9.69 -11.66 -26.72
C LYS D 19 -10.68 -12.74 -27.12
N ALA D 20 -10.69 -13.11 -28.39
CA ALA D 20 -11.58 -14.16 -28.87
C ALA D 20 -10.84 -15.08 -29.78
N GLY D 21 -11.27 -16.33 -29.83
CA GLY D 21 -10.63 -17.30 -30.67
C GLY D 21 -11.35 -18.61 -30.59
N PHE D 22 -10.82 -19.57 -31.34
CA PHE D 22 -11.39 -20.90 -31.42
C PHE D 22 -11.05 -21.73 -30.23
N ALA D 23 -11.99 -22.58 -29.85
CA ALA D 23 -11.80 -23.45 -28.71
C ALA D 23 -10.81 -24.55 -29.07
N GLY D 24 -10.26 -25.19 -28.04
CA GLY D 24 -9.22 -26.20 -28.21
C GLY D 24 -7.90 -25.58 -28.60
N ASP D 25 -7.89 -24.26 -28.79
CA ASP D 25 -6.67 -23.56 -29.17
C ASP D 25 -5.78 -23.24 -27.99
N ASP D 26 -4.49 -23.10 -28.31
CA ASP D 26 -3.44 -22.75 -27.37
C ASP D 26 -3.62 -21.31 -26.86
N ALA D 27 -4.04 -20.42 -27.76
CA ALA D 27 -4.19 -18.99 -27.45
C ALA D 27 -5.25 -18.30 -28.35
N PRO D 28 -5.69 -17.08 -27.96
CA PRO D 28 -6.59 -16.29 -28.82
C PRO D 28 -5.96 -15.88 -30.15
N ARG D 29 -6.72 -16.01 -31.23
CA ARG D 29 -6.31 -15.57 -32.55
C ARG D 29 -6.62 -14.10 -32.68
N ALA D 30 -7.62 -13.67 -31.92
CA ALA D 30 -8.09 -12.31 -31.97
C ALA D 30 -7.93 -11.68 -30.60
N VAL D 31 -7.03 -10.71 -30.53
CA VAL D 31 -6.87 -9.86 -29.35
C VAL D 31 -6.80 -8.43 -29.86
N PHE D 32 -7.85 -7.66 -29.58
CA PHE D 32 -7.95 -6.28 -30.02
C PHE D 32 -8.65 -5.43 -28.95
N PRO D 33 -8.48 -4.09 -28.98
CA PRO D 33 -9.06 -3.29 -27.89
C PRO D 33 -10.59 -3.26 -27.93
N SER D 34 -11.22 -3.40 -26.77
CA SER D 34 -12.70 -3.39 -26.64
C SER D 34 -13.20 -1.94 -26.65
N ILE D 35 -13.02 -1.28 -27.79
CA ILE D 35 -13.20 0.16 -27.89
C ILE D 35 -14.02 0.53 -29.13
N VAL D 36 -14.86 1.56 -29.00
CA VAL D 36 -15.62 2.10 -30.13
C VAL D 36 -15.36 3.59 -30.23
N GLY D 37 -14.85 4.01 -31.38
CA GLY D 37 -14.53 5.40 -31.62
C GLY D 37 -15.53 6.10 -32.50
N ARG D 38 -15.92 7.31 -32.08
CA ARG D 38 -16.77 8.17 -32.86
C ARG D 38 -16.15 9.56 -32.91
N PRO D 39 -16.57 10.39 -33.88
CA PRO D 39 -15.94 11.68 -34.13
C PRO D 39 -15.72 12.47 -32.87
N ARG D 40 -14.61 13.19 -32.86
CA ARG D 40 -14.22 14.01 -31.76
C ARG D 40 -15.23 15.13 -31.56
N HIS D 41 -15.41 16.03 -32.55
CA HIS D 41 -16.44 17.03 -32.37
C HIS D 41 -16.01 18.27 -33.09
N GLN D 42 -16.99 19.19 -33.18
CA GLN D 42 -16.85 20.40 -33.94
C GLN D 42 -16.82 19.98 -35.41
N GLY D 43 -16.24 20.82 -36.28
CA GLY D 43 -16.18 20.58 -37.71
C GLY D 43 -15.68 19.19 -38.09
N VAL D 44 -16.63 18.21 -37.92
CA VAL D 44 -16.58 16.95 -38.60
C VAL D 44 -15.32 16.79 -39.37
N MET D 45 -14.37 16.14 -38.84
CA MET D 45 -13.20 16.31 -39.59
C MET D 45 -13.08 15.66 -40.96
N VAL D 46 -14.04 15.78 -41.86
CA VAL D 46 -13.80 14.89 -42.96
C VAL D 46 -12.65 13.85 -42.67
N GLY D 47 -12.39 13.55 -41.36
CA GLY D 47 -11.46 12.42 -41.03
C GLY D 47 -12.21 11.17 -41.41
N MET D 48 -13.51 11.12 -41.07
CA MET D 48 -14.19 9.86 -41.14
C MET D 48 -14.69 9.30 -42.47
N GLY D 49 -15.05 10.01 -43.51
CA GLY D 49 -15.44 9.26 -44.71
C GLY D 49 -16.94 8.95 -44.67
N GLN D 50 -17.31 7.67 -44.80
CA GLN D 50 -18.73 7.31 -44.87
C GLN D 50 -19.22 6.70 -43.56
N LYS D 51 -18.28 6.53 -42.63
CA LYS D 51 -18.47 5.82 -41.37
C LYS D 51 -19.16 6.65 -40.29
N ASP D 52 -19.87 5.99 -39.38
CA ASP D 52 -20.41 6.63 -38.18
C ASP D 52 -19.54 6.37 -36.94
N SER D 53 -18.72 5.33 -37.02
CA SER D 53 -17.87 4.91 -35.91
C SER D 53 -16.75 3.99 -36.38
N TYR D 54 -15.73 3.86 -35.54
CA TYR D 54 -14.64 2.91 -35.77
C TYR D 54 -14.60 1.91 -34.63
N VAL D 55 -14.06 0.72 -34.89
CA VAL D 55 -13.96 -0.29 -33.84
C VAL D 55 -12.61 -0.96 -33.83
N GLY D 56 -12.15 -1.32 -32.62
CA GLY D 56 -10.93 -2.09 -32.43
C GLY D 56 -9.64 -1.36 -32.72
N ASP D 57 -8.72 -2.07 -33.39
CA ASP D 57 -7.36 -1.58 -33.72
C ASP D 57 -7.36 -0.40 -34.68
N GLU D 58 -8.50 -0.15 -35.32
CA GLU D 58 -8.68 0.98 -36.21
C GLU D 58 -8.97 2.20 -35.37
N ALA D 59 -9.68 1.97 -34.27
CA ALA D 59 -10.03 3.06 -33.39
C ALA D 59 -8.86 3.40 -32.48
N GLN D 60 -7.91 2.48 -32.33
CA GLN D 60 -6.71 2.81 -31.57
C GLN D 60 -5.70 3.59 -32.42
N SER D 61 -5.77 3.34 -33.72
CA SER D 61 -4.90 4.00 -34.67
C SER D 61 -5.33 5.45 -34.92
N LYS D 62 -6.63 5.72 -34.94
CA LYS D 62 -7.09 7.10 -35.15
C LYS D 62 -7.68 7.78 -33.91
N ARG D 63 -7.00 7.62 -32.77
CA ARG D 63 -7.53 8.21 -31.53
C ARG D 63 -7.51 9.74 -31.53
N GLY D 64 -7.03 10.33 -32.63
CA GLY D 64 -6.93 11.78 -32.78
C GLY D 64 -8.28 12.48 -32.82
N ILE D 65 -9.06 12.20 -33.86
CA ILE D 65 -10.38 12.78 -34.01
C ILE D 65 -11.41 11.94 -33.27
N LEU D 66 -10.96 10.87 -32.61
CA LEU D 66 -11.90 9.96 -32.00
C LEU D 66 -11.99 10.12 -30.51
N THR D 67 -13.22 10.15 -30.02
CA THR D 67 -13.48 10.09 -28.60
C THR D 67 -13.80 8.63 -28.27
N LEU D 68 -12.76 7.91 -27.87
CA LEU D 68 -12.85 6.48 -27.56
C LEU D 68 -13.69 6.16 -26.33
N LYS D 69 -14.59 5.18 -26.48
CA LYS D 69 -15.44 4.73 -25.37
C LYS D 69 -15.47 3.21 -25.25
N TYR D 70 -15.64 2.74 -24.00
CA TYR D 70 -15.72 1.31 -23.67
C TYR D 70 -17.15 0.90 -23.38
N PRO D 71 -17.65 -0.13 -24.07
CA PRO D 71 -18.97 -0.67 -23.78
C PRO D 71 -19.00 -1.35 -22.41
N ILE D 72 -17.85 -1.85 -21.97
CA ILE D 72 -17.74 -2.50 -20.68
C ILE D 72 -17.02 -1.62 -19.65
N GLU D 73 -17.66 -1.36 -18.53
CA GLU D 73 -17.07 -0.56 -17.46
C GLU D 73 -17.09 -1.37 -16.17
N HIS D 74 -15.91 -1.59 -15.61
CA HIS D 74 -15.70 -2.44 -14.44
C HIS D 74 -16.20 -3.86 -14.67
N GLY D 75 -16.03 -4.33 -15.90
CA GLY D 75 -16.35 -5.72 -16.24
C GLY D 75 -17.81 -5.99 -16.54
N ILE D 76 -18.64 -4.97 -16.34
CA ILE D 76 -20.07 -5.03 -16.59
C ILE D 76 -20.40 -4.28 -17.87
N VAL D 77 -21.17 -4.91 -18.76
CA VAL D 77 -21.63 -4.23 -19.96
C VAL D 77 -22.54 -3.06 -19.62
N THR D 78 -22.08 -1.86 -19.96
CA THR D 78 -22.88 -0.65 -19.74
C THR D 78 -23.41 -0.11 -21.07
N ASN D 79 -22.82 -0.53 -22.18
CA ASN D 79 -23.36 -0.18 -23.48
C ASN D 79 -23.63 -1.40 -24.34
N TRP D 80 -24.92 -1.73 -24.51
CA TRP D 80 -25.30 -2.92 -25.26
C TRP D 80 -25.21 -2.75 -26.77
N ASP D 81 -25.50 -1.54 -27.25
CA ASP D 81 -25.40 -1.27 -28.67
C ASP D 81 -23.96 -1.45 -29.15
N ASP D 82 -23.01 -0.85 -28.42
CA ASP D 82 -21.58 -0.99 -28.74
C ASP D 82 -21.06 -2.37 -28.39
N MET D 83 -21.74 -3.04 -27.47
CA MET D 83 -21.43 -4.43 -27.18
C MET D 83 -21.78 -5.30 -28.38
N GLU D 84 -22.89 -5.00 -29.04
CA GLU D 84 -23.30 -5.72 -30.25
C GLU D 84 -22.33 -5.39 -31.39
N LYS D 85 -21.89 -4.14 -31.44
CA LYS D 85 -20.92 -3.64 -32.40
C LYS D 85 -19.62 -4.42 -32.34
N ILE D 86 -19.06 -4.51 -31.12
CA ILE D 86 -17.82 -5.26 -30.87
C ILE D 86 -17.98 -6.72 -31.24
N TRP D 87 -19.14 -7.31 -30.92
CA TRP D 87 -19.37 -8.72 -31.20
C TRP D 87 -19.48 -9.04 -32.69
N HIS D 88 -20.13 -8.15 -33.44
CA HIS D 88 -20.18 -8.27 -34.90
C HIS D 88 -18.77 -8.16 -35.47
N HIS D 89 -18.06 -7.12 -35.02
CA HIS D 89 -16.68 -6.91 -35.40
C HIS D 89 -15.86 -8.18 -35.21
N THR D 90 -16.07 -8.84 -34.08
CA THR D 90 -15.35 -10.05 -33.72
C THR D 90 -15.53 -11.16 -34.75
N PHE D 91 -16.76 -11.63 -34.91
CA PHE D 91 -17.01 -12.79 -35.76
C PHE D 91 -16.72 -12.46 -37.21
N TYR D 92 -17.20 -11.31 -37.66
CA TYR D 92 -17.20 -11.00 -39.09
C TYR D 92 -15.90 -10.37 -39.58
N ASN D 93 -15.34 -9.44 -38.80
CA ASN D 93 -14.14 -8.69 -39.21
C ASN D 93 -12.82 -9.29 -38.71
N GLU D 94 -12.74 -9.58 -37.42
CA GLU D 94 -11.48 -9.97 -36.80
C GLU D 94 -11.25 -11.48 -36.80
N LEU D 95 -12.33 -12.24 -36.75
CA LEU D 95 -12.23 -13.70 -36.71
C LEU D 95 -12.69 -14.30 -38.03
N ARG D 96 -13.33 -13.47 -38.86
CA ARG D 96 -13.84 -13.88 -40.16
C ARG D 96 -14.48 -15.26 -40.15
N VAL D 97 -15.57 -15.36 -39.39
CA VAL D 97 -16.32 -16.59 -39.24
C VAL D 97 -17.80 -16.28 -38.99
N ALA D 98 -18.69 -17.15 -39.49
CA ALA D 98 -20.14 -16.96 -39.35
C ALA D 98 -20.68 -17.61 -38.06
N PRO D 99 -21.20 -16.78 -37.14
CA PRO D 99 -21.65 -17.23 -35.81
C PRO D 99 -22.81 -18.22 -35.85
N GLU D 100 -23.34 -18.50 -37.04
CA GLU D 100 -24.37 -19.52 -37.22
C GLU D 100 -23.76 -20.91 -37.20
N GLU D 101 -22.54 -21.05 -37.73
CA GLU D 101 -21.89 -22.35 -37.81
C GLU D 101 -21.08 -22.73 -36.57
N HIS D 102 -21.24 -21.97 -35.49
CA HIS D 102 -20.48 -22.23 -34.27
C HIS D 102 -21.25 -21.95 -32.97
N PRO D 103 -21.15 -22.86 -31.97
CA PRO D 103 -21.55 -22.48 -30.62
C PRO D 103 -20.53 -21.50 -30.01
N VAL D 104 -20.95 -20.72 -29.04
CA VAL D 104 -20.09 -19.67 -28.48
C VAL D 104 -20.13 -19.64 -26.95
N LEU D 105 -18.96 -19.78 -26.34
CA LEU D 105 -18.81 -19.61 -24.89
C LEU D 105 -18.45 -18.17 -24.58
N LEU D 106 -19.25 -17.54 -23.74
CA LEU D 106 -19.01 -16.16 -23.37
C LEU D 106 -18.70 -16.07 -21.89
N THR D 107 -18.12 -14.94 -21.49
CA THR D 107 -17.66 -14.76 -20.12
C THR D 107 -18.32 -13.56 -19.43
N GLU D 108 -18.28 -13.57 -18.10
CA GLU D 108 -18.85 -12.48 -17.34
C GLU D 108 -18.15 -12.27 -16.01
N ALA D 109 -18.34 -11.07 -15.48
CA ALA D 109 -17.75 -10.68 -14.21
C ALA D 109 -18.55 -11.26 -13.07
N PRO D 110 -17.89 -11.46 -11.90
CA PRO D 110 -18.58 -11.80 -10.66
C PRO D 110 -19.55 -10.72 -10.22
N LEU D 111 -20.73 -11.13 -9.76
CA LEU D 111 -21.79 -10.20 -9.34
C LEU D 111 -22.44 -9.40 -10.49
N ASN D 112 -22.35 -9.92 -11.70
CA ASN D 112 -23.07 -9.37 -12.84
C ASN D 112 -24.58 -9.55 -12.59
N PRO D 113 -25.40 -8.55 -12.98
CA PRO D 113 -26.87 -8.65 -12.81
C PRO D 113 -27.50 -9.75 -13.67
N LYS D 114 -28.67 -10.25 -13.25
CA LYS D 114 -29.39 -11.27 -14.03
C LYS D 114 -29.89 -10.67 -15.32
N ALA D 115 -30.25 -9.39 -15.25
CA ALA D 115 -30.70 -8.64 -16.41
C ALA D 115 -29.70 -8.76 -17.53
N ASN D 116 -28.44 -8.47 -17.23
CA ASN D 116 -27.36 -8.50 -18.23
C ASN D 116 -27.03 -9.86 -18.80
N ARG D 117 -27.07 -10.91 -17.95
CA ARG D 117 -26.85 -12.27 -18.42
C ARG D 117 -27.85 -12.57 -19.51
N GLU D 118 -29.07 -12.13 -19.28
CA GLU D 118 -30.13 -12.38 -20.23
C GLU D 118 -29.94 -11.66 -21.55
N LYS D 119 -29.60 -10.37 -21.52
CA LYS D 119 -29.38 -9.65 -22.78
C LYS D 119 -28.24 -10.28 -23.57
N MET D 120 -27.13 -10.51 -22.88
CA MET D 120 -26.01 -11.26 -23.45
C MET D 120 -26.54 -12.53 -24.09
N THR D 121 -27.39 -13.27 -23.38
CA THR D 121 -28.00 -14.52 -23.87
C THR D 121 -28.84 -14.29 -25.12
N GLN D 122 -29.80 -13.36 -25.00
CA GLN D 122 -30.74 -13.00 -26.07
C GLN D 122 -30.08 -12.48 -27.35
N ILE D 123 -29.01 -11.67 -27.19
CA ILE D 123 -28.29 -11.12 -28.35
C ILE D 123 -27.64 -12.21 -29.17
N MET D 124 -27.09 -13.21 -28.50
CA MET D 124 -26.43 -14.31 -29.19
C MET D 124 -27.43 -15.13 -29.98
N PHE D 125 -28.60 -15.38 -29.40
CA PHE D 125 -29.60 -16.24 -30.02
C PHE D 125 -30.46 -15.58 -31.10
N GLU D 126 -30.83 -14.32 -30.89
CA GLU D 126 -31.71 -13.60 -31.82
C GLU D 126 -30.94 -12.87 -32.91
N THR D 127 -29.93 -12.10 -32.52
CA THR D 127 -29.18 -11.31 -33.50
C THR D 127 -28.22 -12.18 -34.31
N PHE D 128 -27.34 -12.90 -33.63
CA PHE D 128 -26.30 -13.66 -34.31
C PHE D 128 -26.73 -15.08 -34.70
N ASN D 129 -27.79 -15.58 -34.06
CA ASN D 129 -28.32 -16.92 -34.31
C ASN D 129 -27.27 -18.02 -34.12
N THR D 130 -26.87 -18.26 -32.88
CA THR D 130 -25.91 -19.30 -32.58
C THR D 130 -26.61 -20.64 -32.25
N PRO D 131 -26.09 -21.76 -32.78
CA PRO D 131 -26.58 -23.11 -32.48
C PRO D 131 -26.76 -23.36 -30.98
N ALA D 132 -25.75 -23.02 -30.19
CA ALA D 132 -25.76 -23.19 -28.73
C ALA D 132 -24.83 -22.18 -28.09
N MET D 133 -24.97 -21.99 -26.76
CA MET D 133 -24.22 -20.95 -26.05
C MET D 133 -24.10 -21.27 -24.55
N TYR D 134 -22.99 -20.89 -23.92
CA TYR D 134 -22.82 -20.98 -22.46
C TYR D 134 -22.18 -19.70 -21.90
N VAL D 135 -22.44 -19.39 -20.62
CA VAL D 135 -21.81 -18.23 -19.97
C VAL D 135 -21.14 -18.57 -18.63
N ALA D 136 -19.83 -18.35 -18.57
CA ALA D 136 -19.05 -18.71 -17.39
C ALA D 136 -18.44 -17.49 -16.67
N ILE D 137 -18.43 -17.53 -15.33
CA ILE D 137 -17.75 -16.51 -14.54
C ILE D 137 -16.26 -16.58 -14.84
N GLN D 138 -15.68 -15.44 -15.19
CA GLN D 138 -14.28 -15.33 -15.60
C GLN D 138 -13.29 -15.86 -14.56
N ALA D 139 -13.56 -15.57 -13.30
CA ALA D 139 -12.71 -16.03 -12.23
C ALA D 139 -12.60 -17.54 -12.28
N VAL D 140 -13.75 -18.22 -12.36
CA VAL D 140 -13.77 -19.70 -12.33
C VAL D 140 -13.17 -20.32 -13.59
N LEU D 141 -13.17 -19.57 -14.67
CA LEU D 141 -12.53 -20.04 -15.89
C LEU D 141 -10.99 -19.93 -15.75
N SER D 142 -10.53 -19.14 -14.78
CA SER D 142 -9.09 -19.01 -14.51
C SER D 142 -8.56 -20.14 -13.65
N LEU D 143 -9.38 -20.60 -12.72
CA LEU D 143 -9.08 -21.75 -11.89
C LEU D 143 -9.01 -23.02 -12.75
N TYR D 144 -9.92 -23.16 -13.69
CA TYR D 144 -9.95 -24.32 -14.57
C TYR D 144 -8.68 -24.46 -15.39
N ALA D 145 -8.09 -23.33 -15.76
CA ALA D 145 -6.86 -23.34 -16.54
C ALA D 145 -5.68 -23.80 -15.68
N SER D 146 -5.72 -23.45 -14.41
CA SER D 146 -4.68 -23.89 -13.49
C SER D 146 -4.73 -25.40 -13.24
N GLY D 147 -5.75 -26.05 -13.80
CA GLY D 147 -5.95 -27.49 -13.67
C GLY D 147 -6.67 -27.87 -12.40
N ARG D 148 -7.42 -26.91 -11.84
CA ARG D 148 -8.18 -27.13 -10.61
C ARG D 148 -9.67 -26.80 -10.77
N THR D 149 -10.48 -27.43 -9.93
CA THR D 149 -11.90 -27.14 -9.88
C THR D 149 -12.28 -26.46 -8.56
N THR D 150 -11.39 -26.54 -7.57
CA THR D 150 -11.63 -25.89 -6.28
C THR D 150 -10.45 -24.99 -5.91
N GLY D 151 -10.76 -23.88 -5.24
CA GLY D 151 -9.76 -22.87 -4.88
C GLY D 151 -10.38 -21.48 -4.83
N ILE D 152 -9.59 -20.47 -4.51
CA ILE D 152 -10.06 -19.09 -4.58
C ILE D 152 -9.18 -18.35 -5.58
N VAL D 153 -9.82 -17.57 -6.45
CA VAL D 153 -9.14 -16.85 -7.50
C VAL D 153 -9.16 -15.36 -7.21
N LEU D 154 -7.99 -14.75 -7.15
CA LEU D 154 -7.94 -13.29 -7.10
C LEU D 154 -7.84 -12.80 -8.51
N ASP D 155 -8.82 -12.00 -8.92
CA ASP D 155 -8.80 -11.45 -10.26
C ASP D 155 -8.74 -9.93 -10.20
N SER D 156 -7.64 -9.40 -10.72
CA SER D 156 -7.47 -7.98 -10.77
C SER D 156 -7.22 -7.61 -12.21
N GLY D 157 -8.18 -6.91 -12.79
CA GLY D 157 -8.13 -6.50 -14.19
C GLY D 157 -7.83 -5.03 -14.36
N ASP D 158 -8.67 -4.35 -15.14
CA ASP D 158 -8.42 -2.94 -15.43
C ASP D 158 -9.13 -2.01 -14.47
N GLY D 159 -10.37 -2.33 -14.09
CA GLY D 159 -11.18 -1.37 -13.36
C GLY D 159 -11.55 -1.75 -11.95
N VAL D 160 -11.70 -3.05 -11.71
CA VAL D 160 -12.19 -3.57 -10.45
C VAL D 160 -11.35 -4.76 -10.03
N SER D 161 -11.26 -5.02 -8.72
CA SER D 161 -10.66 -6.27 -8.24
C SER D 161 -11.67 -7.23 -7.60
N HIS D 162 -11.49 -8.53 -7.86
CA HIS D 162 -12.35 -9.57 -7.28
C HIS D 162 -11.62 -10.78 -6.70
N THR D 163 -12.01 -11.15 -5.49
CA THR D 163 -11.63 -12.44 -4.89
C THR D 163 -12.85 -13.33 -4.97
N VAL D 164 -12.72 -14.46 -5.65
CA VAL D 164 -13.85 -15.36 -5.89
C VAL D 164 -13.62 -16.77 -5.34
N PRO D 165 -14.10 -17.05 -4.12
CA PRO D 165 -14.04 -18.42 -3.64
C PRO D 165 -14.82 -19.31 -4.59
N ILE D 166 -14.28 -20.47 -4.91
CA ILE D 166 -14.91 -21.40 -5.84
C ILE D 166 -14.88 -22.81 -5.25
N TYR D 167 -16.04 -23.46 -5.22
CA TYR D 167 -16.07 -24.84 -4.75
C TYR D 167 -16.62 -25.83 -5.77
N GLU D 168 -15.77 -26.81 -6.10
CA GLU D 168 -16.07 -27.84 -7.09
C GLU D 168 -16.81 -27.34 -8.33
N GLY D 169 -16.34 -26.23 -8.87
CA GLY D 169 -16.86 -25.72 -10.13
C GLY D 169 -17.84 -24.56 -10.04
N TYR D 170 -18.27 -24.22 -8.83
CA TYR D 170 -19.24 -23.15 -8.62
C TYR D 170 -18.65 -22.02 -7.78
N ALA D 171 -18.75 -20.79 -8.27
CA ALA D 171 -18.27 -19.63 -7.52
C ALA D 171 -19.27 -19.25 -6.44
N LEU D 172 -18.77 -18.91 -5.26
CA LEU D 172 -19.63 -18.67 -4.11
C LEU D 172 -19.96 -17.19 -3.97
N PRO D 173 -21.21 -16.83 -4.32
CA PRO D 173 -21.67 -15.45 -4.35
C PRO D 173 -21.63 -14.77 -2.98
N HIS D 174 -22.02 -15.51 -1.95
CA HIS D 174 -22.07 -14.99 -0.59
C HIS D 174 -20.67 -14.61 -0.06
N ALA D 175 -19.63 -15.18 -0.66
CA ALA D 175 -18.25 -14.97 -0.22
C ALA D 175 -17.37 -14.18 -1.20
N ILE D 176 -17.85 -13.94 -2.41
CA ILE D 176 -17.15 -13.05 -3.34
C ILE D 176 -16.97 -11.70 -2.69
N LEU D 177 -15.73 -11.26 -2.54
CA LEU D 177 -15.48 -9.87 -2.19
C LEU D 177 -15.06 -9.08 -3.42
N ARG D 178 -15.33 -7.77 -3.36
CA ARG D 178 -15.05 -6.87 -4.47
C ARG D 178 -14.34 -5.63 -3.95
N LEU D 179 -13.35 -5.17 -4.71
CA LEU D 179 -12.55 -3.98 -4.37
C LEU D 179 -12.43 -3.04 -5.58
N ASP D 180 -12.69 -1.75 -5.35
CA ASP D 180 -12.59 -0.75 -6.43
C ASP D 180 -11.18 -0.17 -6.57
N LEU D 181 -10.26 -1.02 -6.96
CA LEU D 181 -8.88 -0.64 -7.23
C LEU D 181 -8.31 -1.69 -8.18
N ALA D 182 -7.69 -1.24 -9.27
CA ALA D 182 -7.09 -2.16 -10.22
C ALA D 182 -6.19 -1.44 -11.21
N GLY D 183 -5.89 -2.12 -12.31
CA GLY D 183 -5.01 -1.61 -13.36
C GLY D 183 -4.70 -0.12 -13.43
N ARG D 184 -5.66 0.65 -13.91
CA ARG D 184 -5.37 2.04 -14.19
C ARG D 184 -5.52 2.98 -13.00
N ASP D 185 -5.83 2.42 -11.83
CA ASP D 185 -5.70 3.19 -10.61
C ASP D 185 -4.20 3.36 -10.34
N LEU D 186 -3.46 2.30 -10.65
CA LEU D 186 -2.01 2.24 -10.43
C LEU D 186 -1.28 3.09 -11.47
N THR D 187 -1.76 3.04 -12.71
CA THR D 187 -1.25 3.95 -13.75
C THR D 187 -1.55 5.41 -13.38
N ASP D 188 -2.78 5.68 -12.94
CA ASP D 188 -3.12 7.01 -12.40
C ASP D 188 -2.14 7.44 -11.31
N TYR D 189 -1.94 6.54 -10.33
CA TYR D 189 -1.06 6.77 -9.18
C TYR D 189 0.35 7.08 -9.61
N LEU D 190 0.92 6.22 -10.44
CA LEU D 190 2.27 6.40 -10.92
C LEU D 190 2.40 7.75 -11.62
N MET D 191 1.40 8.07 -12.44
CA MET D 191 1.28 9.39 -13.07
C MET D 191 1.34 10.54 -12.07
N LYS D 192 0.56 10.44 -11.01
CA LYS D 192 0.45 11.47 -10.01
C LYS D 192 1.77 11.70 -9.27
N ILE D 193 2.55 10.64 -9.07
CA ILE D 193 3.80 10.79 -8.31
C ILE D 193 5.00 11.11 -9.20
N LEU D 194 5.01 10.57 -10.40
CA LEU D 194 6.07 10.84 -11.37
C LEU D 194 6.00 12.27 -11.85
N THR D 195 4.82 12.88 -11.71
CA THR D 195 4.61 14.28 -12.04
C THR D 195 4.93 15.15 -10.83
N GLU D 196 4.55 14.68 -9.65
CA GLU D 196 4.84 15.42 -8.43
C GLU D 196 6.34 15.67 -8.30
N ARG D 197 7.15 14.87 -8.99
CA ARG D 197 8.58 15.05 -8.84
C ARG D 197 9.26 15.60 -10.10
N GLY D 198 8.47 15.99 -11.10
CA GLY D 198 9.06 16.59 -12.29
C GLY D 198 8.22 16.67 -13.55
N TYR D 199 8.41 15.70 -14.43
CA TYR D 199 7.78 15.64 -15.77
C TYR D 199 6.26 15.57 -15.68
N SER D 200 5.60 16.23 -16.64
CA SER D 200 4.15 16.28 -16.67
C SER D 200 3.58 15.16 -17.55
N PHE D 201 2.64 14.41 -16.96
CA PHE D 201 1.93 13.34 -17.65
C PHE D 201 0.43 13.56 -17.48
N THR D 202 -0.22 14.07 -18.52
CA THR D 202 -1.64 14.43 -18.44
C THR D 202 -2.47 13.92 -19.62
N THR D 203 -1.82 13.71 -20.77
CA THR D 203 -2.53 13.29 -21.98
C THR D 203 -2.44 11.80 -22.27
N THR D 204 -3.52 11.27 -22.87
CA THR D 204 -3.64 9.87 -23.31
C THR D 204 -2.38 9.32 -23.99
N ALA D 205 -1.77 10.13 -24.86
CA ALA D 205 -0.53 9.75 -25.55
C ALA D 205 0.62 9.50 -24.54
N GLU D 206 0.73 10.39 -23.58
CA GLU D 206 1.74 10.29 -22.51
C GLU D 206 1.34 9.27 -21.45
N ARG D 207 0.04 9.02 -21.34
CA ARG D 207 -0.48 8.11 -20.34
C ARG D 207 -0.12 6.65 -20.66
N GLU D 208 0.05 6.35 -21.94
CA GLU D 208 0.39 4.99 -22.37
C GLU D 208 1.85 4.66 -22.05
N ILE D 209 2.64 5.72 -21.87
CA ILE D 209 4.04 5.60 -21.48
C ILE D 209 4.19 5.36 -19.96
N VAL D 210 3.25 5.88 -19.17
CA VAL D 210 3.20 5.60 -17.73
C VAL D 210 2.76 4.16 -17.49
N ARG D 211 1.90 3.64 -18.37
CA ARG D 211 1.58 2.21 -18.38
C ARG D 211 2.84 1.39 -18.61
N ASP D 212 3.77 1.95 -19.40
CA ASP D 212 4.97 1.22 -19.77
C ASP D 212 6.06 1.34 -18.73
N ILE D 213 6.19 2.52 -18.13
CA ILE D 213 7.10 2.71 -17.01
C ILE D 213 6.69 1.72 -15.95
N LYS D 214 5.38 1.60 -15.76
CA LYS D 214 4.77 0.70 -14.78
C LYS D 214 5.07 -0.77 -15.08
N GLU D 215 4.61 -1.25 -16.24
CA GLU D 215 4.73 -2.66 -16.58
C GLU D 215 6.15 -3.15 -16.78
N LYS D 216 7.03 -2.27 -17.26
CA LYS D 216 8.42 -2.68 -17.50
C LYS D 216 9.32 -2.51 -16.27
N LEU D 217 8.94 -1.63 -15.35
CA LEU D 217 9.81 -1.31 -14.22
C LEU D 217 9.24 -1.36 -12.80
N CYS D 218 7.96 -1.74 -12.65
CA CYS D 218 7.36 -1.81 -11.31
C CYS D 218 7.40 -3.20 -10.71
N TYR D 219 7.39 -3.26 -9.38
CA TYR D 219 7.37 -4.55 -8.68
C TYR D 219 6.78 -4.42 -7.28
N VAL D 220 6.39 -5.55 -6.70
CA VAL D 220 5.92 -5.55 -5.31
C VAL D 220 7.04 -5.98 -4.39
N ALA D 221 7.24 -5.17 -3.36
CA ALA D 221 8.23 -5.44 -2.32
C ALA D 221 7.63 -6.46 -1.39
N LEU D 222 8.45 -7.33 -0.82
CA LEU D 222 8.00 -8.22 0.23
C LEU D 222 7.80 -7.47 1.54
N ASP D 223 8.80 -6.70 1.93
CA ASP D 223 8.69 -5.82 3.10
C ASP D 223 8.80 -4.39 2.62
N PHE D 224 7.72 -3.63 2.81
CA PHE D 224 7.69 -2.28 2.27
C PHE D 224 8.70 -1.37 3.00
N GLU D 225 8.52 -1.18 4.31
CA GLU D 225 9.35 -0.25 5.08
C GLU D 225 10.86 -0.54 5.08
N GLN D 226 11.25 -1.73 4.65
CA GLN D 226 12.66 -2.04 4.44
C GLN D 226 13.13 -1.54 3.07
N GLU D 227 12.38 -1.90 2.02
CA GLU D 227 12.63 -1.48 0.65
C GLU D 227 12.56 0.04 0.51
N MET D 228 11.66 0.63 1.26
CA MET D 228 11.66 2.06 1.48
C MET D 228 13.05 2.49 1.91
N ALA D 229 13.56 1.93 3.01
CA ALA D 229 14.83 2.38 3.60
C ALA D 229 16.08 1.94 2.84
N THR D 230 15.99 0.79 2.17
CA THR D 230 17.03 0.34 1.26
C THR D 230 17.28 1.43 0.24
N ALA D 231 16.18 1.99 -0.27
CA ALA D 231 16.20 3.03 -1.29
C ALA D 231 16.68 4.38 -0.80
N ALA D 232 16.39 4.71 0.46
CA ALA D 232 16.82 5.99 1.00
C ALA D 232 18.28 5.92 1.34
N SER D 233 18.81 4.70 1.38
CA SER D 233 20.16 4.45 1.88
C SER D 233 21.19 4.32 0.76
N SER D 234 20.81 3.63 -0.29
CA SER D 234 21.67 3.45 -1.43
C SER D 234 20.82 3.53 -2.69
N SER D 235 21.45 3.30 -3.84
CA SER D 235 20.75 3.47 -5.11
C SER D 235 20.68 2.21 -5.96
N SER D 236 20.80 1.04 -5.32
CA SER D 236 20.71 -0.24 -6.03
C SER D 236 19.33 -0.48 -6.61
N LEU D 237 18.37 0.31 -6.13
CA LEU D 237 16.96 0.22 -6.51
C LEU D 237 16.55 1.07 -7.73
N GLU D 238 17.47 1.92 -8.19
CA GLU D 238 17.16 2.84 -9.29
C GLU D 238 17.17 2.08 -10.61
N LYS D 239 16.35 2.56 -11.56
CA LYS D 239 16.41 2.13 -12.98
C LYS D 239 16.06 3.29 -13.92
N SER D 240 16.73 3.33 -15.05
CA SER D 240 16.53 4.38 -16.04
C SER D 240 15.48 3.96 -17.04
N TYR D 241 14.75 4.94 -17.59
CA TYR D 241 13.78 4.68 -18.64
C TYR D 241 13.88 5.67 -19.79
N GLU D 242 14.02 5.14 -21.01
CA GLU D 242 14.11 5.96 -22.22
C GLU D 242 12.74 6.36 -22.78
N LEU D 243 12.43 7.66 -22.79
CA LEU D 243 11.22 8.15 -23.44
C LEU D 243 11.50 8.16 -24.95
N PRO D 244 10.47 8.40 -25.80
CA PRO D 244 10.74 8.32 -27.25
C PRO D 244 11.53 9.53 -27.78
N ASP D 245 11.34 10.70 -27.17
CA ASP D 245 12.08 11.91 -27.52
C ASP D 245 13.58 11.80 -27.20
N GLY D 246 13.93 10.83 -26.37
CA GLY D 246 15.33 10.54 -26.07
C GLY D 246 15.77 10.92 -24.68
N GLN D 247 14.94 11.69 -23.97
CA GLN D 247 15.24 12.05 -22.58
C GLN D 247 14.93 10.87 -21.66
N VAL D 248 15.97 10.31 -21.08
CA VAL D 248 15.86 9.20 -20.14
C VAL D 248 15.54 9.75 -18.75
N ILE D 249 14.67 9.06 -18.00
CA ILE D 249 14.32 9.44 -16.61
C ILE D 249 14.65 8.29 -15.65
N THR D 250 14.84 8.61 -14.37
CA THR D 250 15.14 7.57 -13.39
C THR D 250 14.18 7.53 -12.21
N ILE D 251 13.49 6.41 -12.09
CA ILE D 251 12.65 6.14 -10.93
C ILE D 251 13.38 5.24 -9.94
N GLY D 252 12.99 5.34 -8.68
CA GLY D 252 13.61 4.55 -7.62
C GLY D 252 12.57 3.89 -6.76
N ASN D 253 12.14 4.59 -5.71
CA ASN D 253 11.16 4.06 -4.76
C ASN D 253 9.74 4.00 -5.33
N GLU D 254 9.59 4.54 -6.55
CA GLU D 254 8.30 4.54 -7.27
C GLU D 254 8.05 3.21 -7.95
N ARG D 255 9.11 2.44 -8.19
CA ARG D 255 8.95 1.12 -8.79
C ARG D 255 8.07 0.23 -7.93
N PHE D 256 8.16 0.40 -6.60
CA PHE D 256 7.33 -0.39 -5.66
C PHE D 256 6.26 0.42 -4.93
N ARG D 257 6.40 1.73 -4.87
CA ARG D 257 5.39 2.56 -4.25
C ARG D 257 4.11 2.59 -5.06
N CYS D 258 4.22 2.23 -6.34
CA CYS D 258 3.05 2.11 -7.18
C CYS D 258 2.19 0.86 -6.83
N PRO D 259 2.76 -0.35 -6.90
CA PRO D 259 1.96 -1.50 -6.52
C PRO D 259 1.60 -1.62 -5.02
N GLU D 260 2.22 -0.83 -4.15
CA GLU D 260 1.83 -0.86 -2.73
C GLU D 260 0.38 -0.43 -2.56
N ALA D 261 -0.17 0.15 -3.62
CA ALA D 261 -1.56 0.55 -3.60
C ALA D 261 -2.46 -0.67 -3.42
N LEU D 262 -2.17 -1.73 -4.17
CA LEU D 262 -2.87 -3.02 -4.07
C LEU D 262 -2.93 -3.55 -2.63
N PHE D 263 -1.85 -3.34 -1.87
CA PHE D 263 -1.76 -3.83 -0.50
C PHE D 263 -2.11 -2.78 0.52
N GLN D 264 -1.95 -1.51 0.15
CA GLN D 264 -2.40 -0.42 1.00
C GLN D 264 -3.15 0.61 0.15
N PRO D 265 -4.49 0.46 0.04
CA PRO D 265 -5.28 1.35 -0.79
C PRO D 265 -5.33 2.81 -0.27
N SER D 266 -4.96 3.02 1.00
CA SER D 266 -4.97 4.37 1.59
C SER D 266 -3.97 5.32 0.90
N PHE D 267 -2.97 4.75 0.25
CA PHE D 267 -2.08 5.51 -0.61
C PHE D 267 -2.85 6.24 -1.68
N LEU D 268 -4.07 5.77 -1.94
CA LEU D 268 -4.96 6.38 -2.91
C LEU D 268 -6.15 6.98 -2.17
N GLY D 269 -5.96 7.26 -0.88
CA GLY D 269 -7.00 7.83 -0.06
C GLY D 269 -8.23 6.95 0.02
N MET D 270 -8.00 5.64 0.06
CA MET D 270 -9.11 4.69 0.21
C MET D 270 -9.16 4.06 1.59
N GLU D 271 -10.38 3.92 2.11
CA GLU D 271 -10.61 3.31 3.41
C GLU D 271 -10.78 1.80 3.24
N ALA D 272 -10.67 1.30 2.01
CA ALA D 272 -10.73 -0.13 1.72
C ALA D 272 -9.44 -0.84 2.07
N CYS D 273 -9.52 -2.12 2.42
CA CYS D 273 -8.30 -2.89 2.73
C CYS D 273 -7.65 -3.56 1.50
N GLY D 274 -6.36 -3.82 1.62
CA GLY D 274 -5.52 -4.36 0.54
C GLY D 274 -5.94 -5.69 -0.06
N ILE D 275 -5.32 -6.06 -1.17
CA ILE D 275 -5.71 -7.29 -1.86
C ILE D 275 -5.40 -8.52 -1.04
N HIS D 276 -4.52 -8.37 -0.05
CA HIS D 276 -4.10 -9.51 0.77
C HIS D 276 -5.19 -9.86 1.79
N GLU D 277 -5.78 -8.83 2.37
CA GLU D 277 -6.85 -9.00 3.31
C GLU D 277 -8.19 -9.31 2.60
N THR D 278 -8.40 -8.70 1.42
CA THR D 278 -9.59 -8.95 0.62
C THR D 278 -9.63 -10.43 0.21
N THR D 279 -8.48 -11.11 0.19
CA THR D 279 -8.45 -12.54 -0.14
C THR D 279 -8.66 -13.46 1.08
N TYR D 280 -8.09 -13.07 2.22
CA TYR D 280 -8.26 -13.82 3.48
C TYR D 280 -9.68 -13.65 4.01
N ASN D 281 -10.15 -12.40 4.06
CA ASN D 281 -11.52 -12.09 4.46
C ASN D 281 -12.58 -12.88 3.69
N SER D 282 -12.34 -13.11 2.40
CA SER D 282 -13.25 -13.91 1.60
C SER D 282 -13.29 -15.33 2.10
N ILE D 283 -12.11 -15.94 2.28
CA ILE D 283 -11.97 -17.31 2.73
C ILE D 283 -12.72 -17.55 4.04
N MET D 284 -12.76 -16.53 4.89
CA MET D 284 -13.38 -16.62 6.21
C MET D 284 -14.90 -16.77 6.17
N LYS D 285 -15.54 -16.21 5.15
CA LYS D 285 -16.98 -16.38 4.99
C LYS D 285 -17.28 -17.64 4.21
N CYS D 286 -16.25 -18.46 4.03
CA CYS D 286 -16.40 -19.77 3.42
C CYS D 286 -16.51 -20.85 4.50
N ASP D 287 -16.85 -22.06 4.04
CA ASP D 287 -17.02 -23.19 4.95
C ASP D 287 -15.72 -23.60 5.60
N VAL D 288 -15.82 -23.89 6.88
CA VAL D 288 -14.69 -24.31 7.67
C VAL D 288 -14.03 -25.61 7.14
N ASP D 289 -14.70 -26.32 6.24
CA ASP D 289 -14.18 -27.58 5.69
C ASP D 289 -13.52 -27.39 4.32
N ILE D 290 -13.56 -26.17 3.81
CA ILE D 290 -12.87 -25.85 2.56
C ILE D 290 -11.81 -24.77 2.69
N ARG D 291 -11.78 -24.06 3.81
CA ARG D 291 -10.80 -22.99 3.99
C ARG D 291 -9.40 -23.49 3.73
N GLU D 292 -9.11 -24.70 4.22
CA GLU D 292 -7.79 -25.30 4.09
C GLU D 292 -7.34 -25.49 2.63
N ASP D 293 -8.28 -25.88 1.78
CA ASP D 293 -8.01 -26.05 0.34
C ASP D 293 -8.12 -24.73 -0.39
N LEU D 294 -8.75 -23.73 0.25
CA LEU D 294 -8.78 -22.39 -0.31
C LEU D 294 -7.40 -21.74 -0.18
N TYR D 295 -6.87 -21.79 1.04
CA TYR D 295 -5.59 -21.20 1.37
C TYR D 295 -4.47 -21.72 0.49
N ALA D 296 -4.57 -22.99 0.12
CA ALA D 296 -3.51 -23.67 -0.59
C ALA D 296 -3.77 -23.66 -2.06
N ASN D 297 -4.82 -22.94 -2.45
CA ASN D 297 -5.17 -22.84 -3.86
C ASN D 297 -5.54 -21.43 -4.32
N THR D 298 -5.03 -20.41 -3.62
CA THR D 298 -5.20 -19.05 -4.07
C THR D 298 -4.52 -18.91 -5.43
N VAL D 299 -5.27 -18.42 -6.41
CA VAL D 299 -4.82 -18.37 -7.78
C VAL D 299 -4.89 -16.94 -8.28
N LEU D 300 -3.80 -16.50 -8.89
CA LEU D 300 -3.73 -15.15 -9.42
C LEU D 300 -4.14 -15.12 -10.88
N SER D 301 -4.88 -14.08 -11.24
CA SER D 301 -5.47 -13.98 -12.57
C SER D 301 -5.67 -12.52 -12.91
N GLY D 302 -5.43 -12.19 -14.17
CA GLY D 302 -5.53 -10.81 -14.59
C GLY D 302 -4.17 -10.16 -14.73
N GLY D 303 -4.13 -9.04 -15.45
CA GLY D 303 -2.88 -8.38 -15.78
C GLY D 303 -2.21 -7.68 -14.63
N THR D 304 -3.00 -7.25 -13.65
CA THR D 304 -2.44 -6.43 -12.57
C THR D 304 -1.83 -7.31 -11.48
N THR D 305 -1.90 -8.62 -11.68
CA THR D 305 -1.26 -9.56 -10.77
C THR D 305 0.12 -9.99 -11.34
N MET D 306 0.59 -9.28 -12.36
CA MET D 306 1.80 -9.68 -13.09
C MET D 306 3.06 -9.09 -12.50
N TYR D 307 2.89 -8.13 -11.59
CA TYR D 307 3.99 -7.55 -10.84
C TYR D 307 4.86 -8.62 -10.21
N PRO D 308 6.19 -8.51 -10.33
CA PRO D 308 7.10 -9.45 -9.68
C PRO D 308 7.10 -9.29 -8.16
N GLY D 309 6.97 -10.42 -7.48
CA GLY D 309 6.96 -10.47 -6.03
C GLY D 309 5.58 -10.28 -5.44
N ILE D 310 4.56 -10.24 -6.29
CA ILE D 310 3.18 -10.13 -5.81
C ILE D 310 2.68 -11.45 -5.20
N ALA D 311 3.14 -12.57 -5.75
CA ALA D 311 2.88 -13.90 -5.19
C ALA D 311 3.55 -14.06 -3.81
N ASP D 312 4.78 -13.58 -3.73
CA ASP D 312 5.60 -13.69 -2.52
C ASP D 312 5.06 -12.84 -1.41
N ARG D 313 4.69 -11.61 -1.75
CA ARG D 313 4.12 -10.68 -0.79
C ARG D 313 2.79 -11.22 -0.29
N MET D 314 2.04 -11.85 -1.19
CA MET D 314 0.74 -12.40 -0.87
C MET D 314 0.87 -13.48 0.20
N GLN D 315 1.68 -14.49 -0.07
CA GLN D 315 1.86 -15.55 0.92
C GLN D 315 2.26 -14.96 2.28
N LYS D 316 3.22 -14.04 2.27
CA LYS D 316 3.67 -13.43 3.51
C LYS D 316 2.52 -12.78 4.28
N GLU D 317 1.63 -12.13 3.56
CA GLU D 317 0.55 -11.40 4.20
C GLU D 317 -0.56 -12.32 4.68
N ILE D 318 -0.90 -13.30 3.83
CA ILE D 318 -1.95 -14.28 4.12
C ILE D 318 -1.57 -15.29 5.22
N THR D 319 -0.26 -15.42 5.50
CA THR D 319 0.21 -16.33 6.54
C THR D 319 0.16 -15.61 7.88
N ALA D 320 0.35 -14.30 7.85
CA ALA D 320 0.30 -13.47 9.04
C ALA D 320 -1.15 -13.22 9.45
N LEU D 321 -2.07 -13.41 8.51
CA LEU D 321 -3.50 -13.28 8.77
C LEU D 321 -4.08 -14.61 9.21
N ALA D 322 -3.79 -15.67 8.43
CA ALA D 322 -4.30 -17.02 8.68
C ALA D 322 -3.75 -17.61 9.98
N LYS D 323 -4.44 -18.64 10.50
CA LYS D 323 -3.95 -19.31 11.69
C LYS D 323 -2.76 -20.22 11.34
N SER D 324 -1.94 -20.50 12.34
CA SER D 324 -0.61 -21.12 12.18
C SER D 324 -0.53 -22.38 11.28
N THR D 325 -1.51 -23.26 11.41
CA THR D 325 -1.48 -24.61 10.84
C THR D 325 -1.54 -24.72 9.32
N MET D 326 -2.24 -23.78 8.67
CA MET D 326 -2.53 -23.91 7.25
C MET D 326 -1.33 -23.60 6.37
N LYS D 327 -1.18 -24.34 5.28
CA LYS D 327 -0.21 -23.98 4.25
C LYS D 327 -0.88 -23.04 3.25
N ILE D 328 -0.18 -21.95 2.95
CA ILE D 328 -0.65 -20.97 1.99
C ILE D 328 0.16 -21.13 0.71
N LYS D 329 -0.42 -21.77 -0.29
CA LYS D 329 0.22 -21.81 -1.60
C LYS D 329 -0.47 -20.84 -2.56
N ILE D 330 0.32 -19.97 -3.17
CA ILE D 330 -0.20 -18.95 -4.09
C ILE D 330 0.22 -19.25 -5.51
N ILE D 331 -0.74 -19.69 -6.33
CA ILE D 331 -0.44 -20.09 -7.71
C ILE D 331 -0.63 -18.91 -8.68
N ALA D 332 0.42 -18.60 -9.41
CA ALA D 332 0.40 -17.55 -10.40
C ALA D 332 0.85 -18.09 -11.75
N PRO D 333 -0.10 -18.55 -12.58
CA PRO D 333 0.25 -19.06 -13.90
C PRO D 333 1.00 -18.04 -14.73
N PRO D 334 2.05 -18.49 -15.44
CA PRO D 334 2.86 -17.72 -16.39
C PRO D 334 2.05 -17.03 -17.50
N GLU D 335 0.85 -17.54 -17.79
CA GLU D 335 0.03 -17.03 -18.88
C GLU D 335 -1.27 -16.39 -18.37
N ARG D 336 -1.23 -15.78 -17.19
CA ARG D 336 -2.48 -15.33 -16.55
C ARG D 336 -3.07 -14.06 -17.17
N LYS D 337 -2.49 -13.65 -18.28
CA LYS D 337 -2.99 -12.56 -19.09
C LYS D 337 -4.10 -13.09 -20.01
N TYR D 338 -3.86 -14.26 -20.61
CA TYR D 338 -4.85 -14.93 -21.46
C TYR D 338 -5.47 -16.17 -20.81
N SER D 339 -5.35 -16.30 -19.49
CA SER D 339 -5.80 -17.50 -18.80
C SER D 339 -7.32 -17.66 -18.81
N VAL D 340 -8.02 -16.56 -18.61
CA VAL D 340 -9.47 -16.55 -18.62
C VAL D 340 -9.97 -17.15 -19.94
N TRP D 341 -9.27 -16.82 -21.02
CA TRP D 341 -9.57 -17.39 -22.31
C TRP D 341 -9.24 -18.87 -22.32
N ILE D 342 -7.98 -19.20 -22.02
CA ILE D 342 -7.48 -20.59 -22.09
C ILE D 342 -8.28 -21.57 -21.24
N GLY D 343 -8.66 -21.14 -20.04
CA GLY D 343 -9.51 -21.95 -19.17
C GLY D 343 -10.84 -22.29 -19.83
N GLY D 344 -11.27 -21.43 -20.74
CA GLY D 344 -12.54 -21.63 -21.44
C GLY D 344 -12.31 -22.42 -22.72
N SER D 345 -11.22 -22.11 -23.40
CA SER D 345 -10.84 -22.85 -24.60
C SER D 345 -10.75 -24.34 -24.30
N ILE D 346 -10.30 -24.66 -23.09
CA ILE D 346 -10.18 -26.03 -22.64
C ILE D 346 -11.55 -26.62 -22.33
N LEU D 347 -12.39 -25.82 -21.66
CA LEU D 347 -13.75 -26.22 -21.28
C LEU D 347 -14.61 -26.55 -22.48
N ALA D 348 -14.64 -25.66 -23.46
CA ALA D 348 -15.49 -25.84 -24.63
C ALA D 348 -15.11 -27.09 -25.41
N SER D 349 -13.88 -27.54 -25.20
CA SER D 349 -13.33 -28.68 -25.92
C SER D 349 -13.68 -29.99 -25.24
N LEU D 350 -13.70 -29.98 -23.92
CA LEU D 350 -14.01 -31.18 -23.16
C LEU D 350 -15.29 -31.83 -23.66
N SER D 351 -15.18 -33.08 -24.12
CA SER D 351 -16.34 -33.80 -24.65
C SER D 351 -17.50 -33.77 -23.67
N THR D 352 -17.17 -33.83 -22.38
CA THR D 352 -18.18 -33.81 -21.34
C THR D 352 -19.01 -32.50 -21.27
N PHE D 353 -18.52 -31.44 -21.92
CA PHE D 353 -19.18 -30.13 -21.88
C PHE D 353 -20.29 -29.92 -22.92
N GLN D 354 -20.30 -30.72 -23.98
CA GLN D 354 -21.23 -30.52 -25.11
C GLN D 354 -22.71 -30.53 -24.72
N GLN D 355 -23.08 -31.39 -23.77
CA GLN D 355 -24.45 -31.45 -23.26
C GLN D 355 -24.77 -30.26 -22.37
N MET D 356 -23.73 -29.53 -21.96
CA MET D 356 -23.88 -28.45 -20.99
C MET D 356 -24.21 -27.11 -21.63
N TRP D 357 -24.21 -27.05 -22.96
CA TRP D 357 -24.50 -25.81 -23.69
C TRP D 357 -25.91 -25.31 -23.44
N ILE D 358 -26.33 -24.30 -24.20
CA ILE D 358 -27.75 -23.93 -24.26
C ILE D 358 -28.17 -23.96 -25.71
N SER D 359 -29.16 -24.80 -26.01
CA SER D 359 -29.67 -24.97 -27.37
C SER D 359 -30.56 -23.81 -27.78
N LYS D 360 -30.58 -23.52 -29.08
CA LYS D 360 -31.44 -22.49 -29.63
C LYS D 360 -32.90 -22.82 -29.36
N GLN D 361 -33.23 -24.11 -29.44
CA GLN D 361 -34.55 -24.65 -29.10
C GLN D 361 -34.98 -24.22 -27.69
N GLU D 362 -34.18 -24.60 -26.70
CA GLU D 362 -34.50 -24.30 -25.31
C GLU D 362 -34.73 -22.81 -25.10
N TYR D 363 -33.92 -21.98 -25.76
CA TYR D 363 -34.12 -20.53 -25.72
C TYR D 363 -35.44 -20.16 -26.37
N ASP D 364 -35.66 -20.71 -27.57
CA ASP D 364 -36.84 -20.39 -28.34
C ASP D 364 -38.12 -20.82 -27.64
N GLU D 365 -37.96 -21.73 -26.66
CA GLU D 365 -39.11 -22.14 -25.87
C GLU D 365 -39.24 -21.35 -24.57
N SER D 366 -38.12 -21.12 -23.87
CA SER D 366 -38.18 -20.49 -22.54
C SER D 366 -37.70 -19.04 -22.48
N GLY D 367 -37.08 -18.58 -23.56
CA GLY D 367 -36.52 -17.22 -23.57
C GLY D 367 -35.19 -17.15 -22.84
N PRO D 368 -34.58 -15.96 -22.82
CA PRO D 368 -33.24 -15.76 -22.26
C PRO D 368 -33.12 -16.19 -20.80
N SER D 369 -34.26 -16.47 -20.16
CA SER D 369 -34.32 -16.72 -18.72
C SER D 369 -33.72 -18.05 -18.29
N ILE D 370 -33.52 -18.95 -19.25
CA ILE D 370 -33.02 -20.28 -18.93
C ILE D 370 -31.53 -20.32 -18.54
N VAL D 371 -30.87 -19.16 -18.57
CA VAL D 371 -29.42 -19.08 -18.43
C VAL D 371 -28.96 -19.05 -16.97
N HIS D 372 -29.92 -18.87 -16.06
CA HIS D 372 -29.62 -18.85 -14.64
C HIS D 372 -29.64 -20.27 -14.07
N ARG D 373 -30.37 -21.17 -14.73
CA ARG D 373 -30.46 -22.56 -14.29
C ARG D 373 -29.46 -23.48 -15.00
N LYS D 374 -29.19 -23.21 -16.28
CA LYS D 374 -28.23 -24.04 -17.02
C LYS D 374 -26.80 -23.53 -16.86
N CYS D 375 -26.66 -22.31 -16.32
CA CYS D 375 -25.36 -21.69 -16.16
C CYS D 375 -25.00 -21.26 -14.75
N PHE D 376 -26.00 -20.84 -13.95
CA PHE D 376 -25.71 -20.27 -12.64
C PHE D 376 -24.97 -18.94 -12.80
PG ANP E . 21.11 10.62 17.28
O1G ANP E . 21.28 9.29 16.60
O2G ANP E . 21.32 11.83 16.38
O3G ANP E . 19.84 10.71 18.11
PB ANP E . 22.53 12.11 19.46
O1B ANP E . 21.42 13.06 19.03
O2B ANP E . 22.51 11.64 20.89
N3B ANP E . 22.43 10.71 18.42
PA ANP E . 24.35 14.28 18.72
O1A ANP E . 24.37 14.33 17.22
O2A ANP E . 23.51 15.29 19.46
O3A ANP E . 23.99 12.77 19.21
O5' ANP E . 25.88 14.49 19.19
C5' ANP E . 26.89 13.49 19.05
C4' ANP E . 28.07 13.98 18.21
O4' ANP E . 28.11 15.41 18.19
C3' ANP E . 29.45 13.50 18.71
O3' ANP E . 30.19 12.75 17.72
C2' ANP E . 30.18 14.78 19.04
O2' ANP E . 31.58 14.64 18.73
C1' ANP E . 29.48 15.80 18.16
N9 ANP E . 29.65 17.23 18.54
C8 ANP E . 29.15 17.85 19.63
N7 ANP E . 29.48 19.17 19.66
C5 ANP E . 30.22 19.41 18.55
C6 ANP E . 30.91 20.57 17.96
N6 ANP E . 30.85 21.77 18.58
N1 ANP E . 31.57 20.41 16.79
C2 ANP E . 31.62 19.22 16.17
N3 ANP E . 31.03 18.10 16.65
C4 ANP E . 30.33 18.14 17.81
MG MG F . 19.51 13.27 17.21
PG ANP G . -11.84 -6.94 -16.40
O1G ANP G . -12.65 -5.93 -15.62
O2G ANP G . -10.99 -7.85 -15.53
O3G ANP G . -12.64 -7.69 -17.45
PB ANP G . -9.58 -6.76 -18.39
O1B ANP G . -10.13 -8.14 -18.73
O2B ANP G . -9.32 -5.81 -19.55
N3B ANP G . -10.73 -5.97 -17.34
PA ANP G . -6.68 -7.04 -17.95
O1A ANP G . -6.12 -8.40 -17.64
O2A ANP G . -6.54 -6.61 -19.40
O3A ANP G . -8.24 -6.96 -17.49
O5' ANP G . -6.02 -5.95 -16.97
C5' ANP G . -5.65 -4.64 -17.42
C4' ANP G . -4.44 -4.11 -16.66
O4' ANP G . -3.38 -5.08 -16.62
C3' ANP G . -3.83 -2.83 -17.26
O3' ANP G . -3.91 -1.72 -16.33
C2' ANP G . -2.38 -3.19 -17.55
O2' ANP G . -1.47 -2.11 -17.27
C1' ANP G . -2.15 -4.37 -16.61
N9 ANP G . -1.01 -5.22 -17.01
C8 ANP G . -0.96 -6.07 -18.06
N7 ANP G . 0.24 -6.70 -18.10
C5 ANP G . 0.98 -6.25 -17.06
C6 ANP G . 2.33 -6.49 -16.53
N6 ANP G . 3.16 -7.38 -17.14
N1 ANP G . 2.71 -5.83 -15.41
C2 ANP G . 1.90 -4.94 -14.80
N3 ANP G . 0.66 -4.67 -15.23
C4 ANP G . 0.16 -5.28 -16.34
MG MG H . -10.82 -9.81 -16.83
#